data_6YCS
#
_entry.id   6YCS
#
_cell.length_a   102.143
_cell.length_b   102.143
_cell.length_c   83.813
_cell.angle_alpha   90.000
_cell.angle_beta   90.000
_cell.angle_gamma   90.000
#
_symmetry.space_group_name_H-M   'P 43 21 2'
#
loop_
_entity.id
_entity.type
_entity.pdbx_description
1 polymer 'PC4 protein'
2 polymer "DNA (5'-D(P*(OKQ))-D(P*(OKT))-R(P*(RFJ))-D(*(OKQ)P*(OKT)P*(AS)P*(GS)P*(OKN)P*(OKN)P*(PST)P*(OKN)P*(PST)P*(GS)P*(GS)P*(AS)P*(OKT)P*(OKT))-3')"
3 polymer "DNA (5'-D(P*(OKQ))-D(P*(OKT))-R(P*(RFJ))-D(*(OKQ)P*(OKT)P*(AS)P*(GS)P*(OKN)P*(OKN)P*(PST)P*(OKN)P*(PST)P*(GS)P*(GS)P*(AS)P*(OKT)P*(OKT))-3')"
4 non-polymer 'SULFATE ION'
5 non-polymer 'SODIUM ION'
6 water water
#
loop_
_entity_poly.entity_id
_entity_poly.type
_entity_poly.pdbx_seq_one_letter_code
_entity_poly.pdbx_strand_id
1 'polypeptide(L)' RGSHSDNMFQIGKMRYVSVRDFKGKVLIDIREYWMDPEGEMKPGRKGISLNPEQWSQLKEQISDIDDAVRKL A,B,C,D
2 'polydeoxyribonucleotide'
;(OKQ)(OKT)(RFJ)(OKQ)(OKT)(PPS)(GS)(OKN)(OKN)(PST)(OKN)(PST)(GS)(GS)(PPS)(OKT)
(OKT)
;
E
3 'polydeoxyribonucleotide'
;(OKQ)(OKT)(RFJ)(OKQ)(OKT)(PPS)(GS)(OKN)(OKN)(PST)(OKN)(PST)(GS)(GS)(AS)(OKT)
(OKT)
;
F
#
loop_
_chem_comp.id
_chem_comp.type
_chem_comp.name
_chem_comp.formula
AS DNA linking '2-DEOXY-ADENOSINE -5'-THIO-MONOPHOSPHATE' 'C10 H14 N5 O5 P S'
GS DNA linking GUANOSINE-5'-THIO-MONOPHOSPHATE 'C10 H14 N5 O6 P S'
NA non-polymer 'SODIUM ION' 'Na 1'
OKN DNA linking 5'-methyl-2'-deoxycytidine-5'-phosphorothioate 'C10 H16 N3 O6 P S'
OKQ DNA linking 2'-O-methylcytidine-5'-phosphorothioate 'C10 H16 N3 O7 P S'
OKT DNA linking 2'-O-methyluridine-5'-phosphorothioate 'C10 H15 N2 O8 P S'
PPS non-polymer '3'-PHOSPHATE-ADENOSINE-5'-PHOSPHATE SULFATE' 'C10 H15 N5 O13 P2 S'
PST DNA linking THYMIDINE-5'-THIOPHOSPHATE 'C10 H15 N2 O7 P S'
RFJ RNA linking 2'-O-methyl-5'-O-thiophosphonoguanosine 'C11 H16 N5 O7 P S'
SO4 non-polymer 'SULFATE ION' 'O4 S -2'
#
# COMPACT_ATOMS: atom_id res chain seq x y z
N ASN A 7 -11.71 -2.26 -26.32
CA ASN A 7 -10.45 -1.58 -26.07
C ASN A 7 -9.64 -2.20 -24.93
N MET A 8 -9.96 -3.43 -24.55
CA MET A 8 -9.21 -4.13 -23.53
C MET A 8 -8.71 -5.47 -24.04
N PHE A 9 -7.48 -5.82 -23.65
CA PHE A 9 -6.78 -6.99 -24.13
C PHE A 9 -6.27 -7.78 -22.94
N GLN A 10 -6.82 -8.98 -22.74
CA GLN A 10 -6.49 -9.77 -21.56
C GLN A 10 -5.07 -10.30 -21.63
N ILE A 11 -4.44 -10.45 -20.45
CA ILE A 11 -3.07 -10.97 -20.35
C ILE A 11 -2.98 -11.92 -19.16
N GLY A 12 -4.01 -11.97 -18.35
CA GLY A 12 -4.03 -12.86 -17.20
C GLY A 12 -5.44 -13.25 -16.83
N LYS A 13 -5.61 -13.94 -15.70
CA LYS A 13 -6.94 -14.35 -15.26
C LYS A 13 -7.85 -13.13 -15.09
N MET A 14 -7.50 -12.25 -14.15
CA MET A 14 -8.23 -11.02 -13.93
C MET A 14 -7.41 -9.80 -14.33
N ARG A 15 -6.53 -9.98 -15.31
CA ARG A 15 -5.55 -8.97 -15.69
C ARG A 15 -5.80 -8.57 -17.14
N TYR A 16 -5.90 -7.27 -17.39
CA TYR A 16 -6.18 -6.75 -18.72
C TYR A 16 -5.32 -5.52 -18.99
N VAL A 17 -5.05 -5.28 -20.27
CA VAL A 17 -4.38 -4.07 -20.74
C VAL A 17 -5.45 -3.24 -21.45
N SER A 18 -5.79 -2.08 -20.88
CA SER A 18 -6.82 -1.22 -21.43
C SER A 18 -6.19 0.02 -22.04
N VAL A 19 -6.53 0.30 -23.29
CA VAL A 19 -6.14 1.53 -23.96
C VAL A 19 -7.30 2.50 -23.82
N ARG A 20 -7.07 3.63 -23.15
CA ARG A 20 -8.14 4.57 -22.85
C ARG A 20 -7.66 5.99 -23.08
N ASP A 21 -8.59 6.93 -22.99
CA ASP A 21 -8.30 8.35 -23.07
C ASP A 21 -8.83 8.99 -21.79
N PHE A 22 -7.91 9.42 -20.92
CA PHE A 22 -8.23 10.09 -19.67
C PHE A 22 -7.76 11.54 -19.79
N LYS A 23 -8.71 12.45 -19.95
CA LYS A 23 -8.46 13.89 -20.00
C LYS A 23 -7.45 14.24 -21.11
N GLY A 24 -7.79 13.82 -22.33
CA GLY A 24 -7.11 14.27 -23.52
C GLY A 24 -5.88 13.47 -23.91
N LYS A 25 -5.24 12.78 -22.97
CA LYS A 25 -4.04 12.02 -23.23
C LYS A 25 -4.33 10.52 -23.17
N VAL A 26 -3.63 9.76 -24.01
CA VAL A 26 -3.85 8.33 -24.12
C VAL A 26 -3.17 7.60 -22.98
N LEU A 27 -3.86 6.60 -22.41
CA LEU A 27 -3.36 5.82 -21.30
C LEU A 27 -3.33 4.34 -21.66
N ILE A 28 -2.21 3.69 -21.33
CA ILE A 28 -2.04 2.26 -21.55
C ILE A 28 -1.93 1.62 -20.17
N ASP A 29 -3.04 1.07 -19.70
CA ASP A 29 -3.19 0.66 -18.30
C ASP A 29 -3.06 -0.86 -18.20
N ILE A 30 -1.98 -1.31 -17.57
CA ILE A 30 -1.82 -2.72 -17.25
C ILE A 30 -2.31 -2.88 -15.82
N ARG A 31 -3.46 -3.51 -15.64
CA ARG A 31 -4.11 -3.53 -14.34
C ARG A 31 -4.80 -4.86 -14.09
N GLU A 32 -4.90 -5.23 -12.81
CA GLU A 32 -5.64 -6.39 -12.35
C GLU A 32 -6.96 -5.95 -11.76
N TYR A 33 -8.04 -6.61 -12.17
CA TYR A 33 -9.39 -6.26 -11.79
C TYR A 33 -9.93 -7.18 -10.70
N TRP A 34 -11.13 -6.87 -10.22
CA TRP A 34 -11.76 -7.68 -9.21
C TRP A 34 -13.26 -7.66 -9.45
N MET A 35 -13.92 -8.74 -9.06
CA MET A 35 -15.35 -8.92 -9.29
C MET A 35 -16.13 -8.51 -8.05
N ASP A 36 -17.16 -7.69 -8.24
CA ASP A 36 -18.00 -7.28 -7.13
C ASP A 36 -18.99 -8.41 -6.80
N PRO A 37 -19.70 -8.32 -5.68
CA PRO A 37 -20.76 -9.30 -5.42
C PRO A 37 -21.87 -9.29 -6.44
N GLU A 38 -22.07 -8.18 -7.16
CA GLU A 38 -23.11 -8.13 -8.17
C GLU A 38 -22.69 -8.82 -9.47
N GLY A 39 -21.40 -9.09 -9.65
CA GLY A 39 -20.92 -9.86 -10.79
C GLY A 39 -19.99 -9.10 -11.72
N GLU A 40 -19.97 -7.77 -11.67
CA GLU A 40 -19.16 -7.01 -12.60
C GLU A 40 -17.73 -6.85 -12.07
N MET A 41 -16.82 -6.53 -12.98
CA MET A 41 -15.42 -6.35 -12.66
C MET A 41 -15.09 -4.87 -12.48
N LYS A 42 -14.24 -4.58 -11.52
CA LYS A 42 -13.80 -3.22 -11.28
C LYS A 42 -12.27 -3.19 -11.21
N PRO A 43 -11.65 -2.10 -11.68
CA PRO A 43 -10.20 -1.99 -11.58
C PRO A 43 -9.74 -1.90 -10.14
N GLY A 44 -8.60 -2.54 -9.87
CA GLY A 44 -8.09 -2.66 -8.53
C GLY A 44 -6.86 -1.81 -8.28
N ARG A 45 -6.19 -2.11 -7.17
CA ARG A 45 -5.03 -1.33 -6.78
CA ARG A 45 -5.02 -1.35 -6.76
C ARG A 45 -3.80 -1.68 -7.62
N LYS A 46 -3.59 -2.96 -7.91
CA LYS A 46 -2.42 -3.39 -8.68
C LYS A 46 -2.63 -3.03 -10.14
N GLY A 47 -1.95 -1.98 -10.58
CA GLY A 47 -2.04 -1.56 -11.96
C GLY A 47 -1.25 -0.28 -12.16
N ILE A 48 -0.82 -0.07 -13.40
CA ILE A 48 -0.11 1.15 -13.76
C ILE A 48 -0.52 1.53 -15.18
N SER A 49 -0.64 2.82 -15.44
CA SER A 49 -1.04 3.34 -16.74
C SER A 49 0.14 4.08 -17.35
N LEU A 50 0.60 3.59 -18.49
CA LEU A 50 1.75 4.18 -19.16
C LEU A 50 1.29 5.17 -20.23
N ASN A 51 2.02 6.27 -20.34
CA ASN A 51 1.86 7.18 -21.46
C ASN A 51 2.54 6.57 -22.68
N PRO A 52 2.26 7.07 -23.88
CA PRO A 52 2.91 6.49 -25.07
C PRO A 52 4.43 6.49 -24.98
N GLU A 53 5.03 7.46 -24.28
CA GLU A 53 6.48 7.52 -24.22
C GLU A 53 7.05 6.41 -23.34
N GLN A 54 6.35 6.04 -22.26
CA GLN A 54 6.85 4.95 -21.42
C GLN A 54 6.60 3.60 -22.06
N TRP A 55 5.45 3.43 -22.71
CA TRP A 55 5.22 2.26 -23.53
C TRP A 55 6.21 2.15 -24.68
N SER A 56 6.78 3.28 -25.11
CA SER A 56 7.77 3.25 -26.19
C SER A 56 9.03 2.51 -25.77
N GLN A 57 9.64 2.92 -24.66
CA GLN A 57 10.87 2.28 -24.23
C GLN A 57 10.64 0.94 -23.55
N LEU A 58 9.42 0.68 -23.07
CA LEU A 58 9.13 -0.67 -22.58
C LEU A 58 9.34 -1.68 -23.69
N LYS A 59 8.84 -1.37 -24.89
CA LYS A 59 9.05 -2.27 -26.01
C LYS A 59 10.51 -2.34 -26.40
N GLU A 60 11.22 -1.21 -26.36
CA GLU A 60 12.63 -1.24 -26.71
C GLU A 60 13.45 -2.04 -25.72
N GLN A 61 13.04 -2.09 -24.46
CA GLN A 61 13.76 -2.86 -23.45
C GLN A 61 13.30 -4.31 -23.37
N ILE A 62 12.32 -4.70 -24.17
CA ILE A 62 11.75 -6.05 -24.10
C ILE A 62 12.84 -7.09 -24.21
N SER A 63 13.72 -6.94 -25.19
CA SER A 63 14.79 -7.92 -25.39
C SER A 63 15.68 -8.00 -24.17
N ASP A 64 16.09 -6.85 -23.64
CA ASP A 64 16.91 -6.85 -22.41
C ASP A 64 16.17 -7.55 -21.28
N ILE A 65 14.87 -7.32 -21.17
CA ILE A 65 14.08 -7.99 -20.14
C ILE A 65 14.06 -9.49 -20.37
N ASP A 66 13.75 -9.91 -21.60
CA ASP A 66 13.75 -11.34 -21.90
C ASP A 66 15.12 -11.96 -21.71
N ASP A 67 16.19 -11.22 -22.00
CA ASP A 67 17.52 -11.72 -21.69
C ASP A 67 17.66 -12.03 -20.20
N ALA A 68 17.12 -11.14 -19.36
CA ALA A 68 17.27 -11.28 -17.92
C ALA A 68 16.39 -12.39 -17.36
N VAL A 69 15.18 -12.58 -17.88
CA VAL A 69 14.32 -13.61 -17.34
C VAL A 69 14.89 -14.99 -17.64
N ARG A 70 15.59 -15.14 -18.76
CA ARG A 70 16.24 -16.40 -19.06
C ARG A 70 17.49 -16.60 -18.20
N LYS A 71 18.36 -15.58 -18.18
CA LYS A 71 19.63 -15.64 -17.46
C LYS A 71 19.46 -15.79 -15.94
N LEU A 72 18.24 -15.92 -15.43
CA LEU A 72 18.02 -16.11 -14.00
C LEU A 72 17.46 -17.50 -13.70
N ASP B 6 21.11 -6.41 -15.61
CA ASP B 6 20.96 -6.54 -14.17
C ASP B 6 19.49 -6.82 -13.80
N ASN B 7 18.99 -6.08 -12.81
CA ASN B 7 17.60 -6.19 -12.40
C ASN B 7 16.71 -5.13 -13.03
N MET B 8 17.22 -3.90 -13.17
CA MET B 8 16.40 -2.74 -13.50
C MET B 8 16.46 -2.43 -14.99
N PHE B 9 15.30 -2.08 -15.55
CA PHE B 9 15.18 -1.62 -16.93
C PHE B 9 14.27 -0.41 -16.92
N GLN B 10 14.82 0.76 -17.20
CA GLN B 10 14.12 2.01 -17.00
C GLN B 10 13.27 2.37 -18.22
N ILE B 11 12.00 2.66 -17.98
CA ILE B 11 11.10 3.05 -19.05
C ILE B 11 10.57 4.47 -18.92
N GLY B 12 10.52 5.04 -17.72
CA GLY B 12 10.12 6.42 -17.55
C GLY B 12 11.12 7.16 -16.69
N LYS B 13 10.86 8.45 -16.50
CA LYS B 13 11.72 9.28 -15.66
C LYS B 13 11.82 8.71 -14.25
N MET B 14 10.74 8.11 -13.74
CA MET B 14 10.75 7.51 -12.41
C MET B 14 10.16 6.10 -12.42
N ARG B 15 10.04 5.48 -13.59
CA ARG B 15 9.41 4.18 -13.72
C ARG B 15 10.38 3.18 -14.32
N TYR B 16 10.45 2.00 -13.70
CA TYR B 16 11.30 0.90 -14.12
C TYR B 16 10.47 -0.37 -14.24
N VAL B 17 10.88 -1.25 -15.15
CA VAL B 17 10.45 -2.63 -15.16
C VAL B 17 11.62 -3.46 -14.67
N SER B 18 11.42 -4.20 -13.59
CA SER B 18 12.48 -4.94 -12.92
C SER B 18 12.16 -6.43 -12.95
N VAL B 19 13.20 -7.23 -13.11
CA VAL B 19 13.09 -8.69 -13.04
C VAL B 19 13.65 -9.14 -11.71
N ARG B 20 13.01 -10.13 -11.10
CA ARG B 20 13.45 -10.57 -9.79
C ARG B 20 13.03 -12.02 -9.62
N ASP B 21 13.89 -12.82 -9.03
CA ASP B 21 13.55 -14.20 -8.70
C ASP B 21 12.95 -14.21 -7.29
N PHE B 22 11.71 -14.69 -7.20
CA PHE B 22 11.00 -14.81 -5.92
C PHE B 22 10.83 -16.30 -5.63
N LYS B 23 11.81 -16.87 -4.92
CA LYS B 23 11.78 -18.27 -4.50
C LYS B 23 11.50 -19.19 -5.69
N GLY B 24 12.31 -19.04 -6.74
CA GLY B 24 12.19 -19.84 -7.94
C GLY B 24 11.22 -19.28 -8.97
N LYS B 25 10.20 -18.55 -8.53
CA LYS B 25 9.22 -17.94 -9.42
C LYS B 25 9.65 -16.50 -9.69
N VAL B 26 9.85 -16.18 -10.94
CA VAL B 26 10.32 -14.86 -11.33
C VAL B 26 9.12 -13.94 -11.55
N LEU B 27 9.27 -12.69 -11.16
CA LEU B 27 8.23 -11.69 -11.30
C LEU B 27 8.76 -10.56 -12.17
N ILE B 28 7.96 -10.14 -13.14
CA ILE B 28 8.28 -9.00 -13.97
C ILE B 28 7.46 -7.85 -13.40
N ASP B 29 8.11 -6.96 -12.67
CA ASP B 29 7.43 -5.91 -11.92
C ASP B 29 7.61 -4.57 -12.63
N ILE B 30 6.53 -4.01 -13.12
CA ILE B 30 6.51 -2.70 -13.77
C ILE B 30 5.97 -1.72 -12.75
N ARG B 31 6.83 -0.87 -12.20
CA ARG B 31 6.45 -0.05 -11.06
C ARG B 31 7.06 1.33 -11.17
N GLU B 32 6.36 2.31 -10.60
CA GLU B 32 6.84 3.67 -10.45
C GLU B 32 7.45 3.81 -9.07
N TYR B 33 8.48 4.65 -8.98
CA TYR B 33 9.22 4.83 -7.74
C TYR B 33 9.24 6.29 -7.33
N TRP B 34 9.82 6.55 -6.17
CA TRP B 34 9.91 7.87 -5.59
C TRP B 34 10.99 7.84 -4.51
N MET B 35 11.15 8.96 -3.79
CA MET B 35 12.16 9.07 -2.75
C MET B 35 11.58 9.68 -1.50
N ASP B 36 11.95 9.12 -0.35
CA ASP B 36 11.47 9.57 0.94
C ASP B 36 12.31 10.75 1.42
N PRO B 37 11.92 11.41 2.52
CA PRO B 37 12.80 12.43 3.12
C PRO B 37 14.17 11.90 3.50
N GLU B 38 14.35 10.57 3.56
CA GLU B 38 15.65 9.97 3.84
C GLU B 38 16.58 10.01 2.63
N GLY B 39 16.07 10.34 1.44
CA GLY B 39 16.87 10.38 0.24
C GLY B 39 17.02 9.05 -0.46
N GLU B 40 16.46 7.97 0.07
CA GLU B 40 16.54 6.68 -0.58
C GLU B 40 15.31 6.43 -1.44
N MET B 41 15.48 5.60 -2.47
CA MET B 41 14.44 5.36 -3.46
C MET B 41 13.54 4.22 -3.01
N LYS B 42 12.24 4.48 -2.93
CA LYS B 42 11.25 3.52 -2.48
C LYS B 42 10.17 3.30 -3.53
N PRO B 43 9.53 2.14 -3.54
CA PRO B 43 8.49 1.85 -4.55
C PRO B 43 7.14 2.46 -4.17
N GLY B 44 6.23 2.47 -5.14
CA GLY B 44 4.95 3.10 -4.96
C GLY B 44 3.75 2.21 -5.21
N ARG B 45 2.55 2.80 -5.17
CA ARG B 45 1.32 2.01 -5.35
C ARG B 45 1.08 1.68 -6.83
N LYS B 46 1.51 2.55 -7.74
CA LYS B 46 1.28 2.34 -9.16
C LYS B 46 2.31 1.34 -9.68
N GLY B 47 1.87 0.11 -9.88
CA GLY B 47 2.76 -0.94 -10.35
C GLY B 47 2.03 -2.27 -10.35
N ILE B 48 2.69 -3.26 -10.93
CA ILE B 48 2.13 -4.61 -11.00
C ILE B 48 3.26 -5.57 -11.34
N SER B 49 3.24 -6.74 -10.72
CA SER B 49 4.20 -7.80 -10.99
C SER B 49 3.53 -8.90 -11.80
N LEU B 50 4.14 -9.27 -12.92
CA LEU B 50 3.61 -10.27 -13.82
C LEU B 50 4.43 -11.55 -13.71
N ASN B 51 3.78 -12.67 -13.98
CA ASN B 51 4.50 -13.92 -14.16
C ASN B 51 4.98 -14.01 -15.60
N PRO B 52 5.87 -14.97 -15.90
CA PRO B 52 6.36 -15.08 -17.29
C PRO B 52 5.24 -15.24 -18.32
N GLU B 53 4.20 -16.02 -18.00
CA GLU B 53 3.13 -16.24 -18.97
C GLU B 53 2.38 -14.94 -19.25
N GLN B 54 2.06 -14.18 -18.19
CA GLN B 54 1.44 -12.87 -18.34
C GLN B 54 2.32 -11.95 -19.16
N TRP B 55 3.63 -11.96 -18.91
CA TRP B 55 4.55 -11.16 -19.71
C TRP B 55 4.56 -11.63 -21.15
N SER B 56 4.51 -12.94 -21.35
CA SER B 56 4.48 -13.45 -22.72
C SER B 56 3.20 -13.02 -23.42
N GLN B 57 2.08 -13.05 -22.71
CA GLN B 57 0.81 -12.67 -23.31
C GLN B 57 0.69 -11.17 -23.52
N LEU B 58 1.45 -10.36 -22.77
CA LEU B 58 1.46 -8.93 -23.04
C LEU B 58 2.14 -8.62 -24.36
N LYS B 59 3.24 -9.32 -24.65
CA LYS B 59 4.00 -9.03 -25.86
C LYS B 59 3.21 -9.38 -27.10
N GLU B 60 2.48 -10.49 -27.08
CA GLU B 60 1.70 -10.86 -28.25
C GLU B 60 0.41 -10.07 -28.37
N GLN B 61 0.15 -9.14 -27.47
CA GLN B 61 -0.98 -8.23 -27.57
C GLN B 61 -0.56 -6.83 -28.01
N ILE B 62 0.74 -6.60 -28.22
CA ILE B 62 1.22 -5.28 -28.63
C ILE B 62 0.59 -4.87 -29.96
N SER B 63 0.35 -5.83 -30.83
CA SER B 63 -0.39 -5.60 -32.08
C SER B 63 -1.58 -4.69 -31.83
N ASP B 64 -2.58 -5.21 -31.10
CA ASP B 64 -3.80 -4.45 -30.89
C ASP B 64 -3.56 -3.23 -30.01
N ILE B 65 -2.57 -3.29 -29.13
CA ILE B 65 -2.31 -2.15 -28.26
C ILE B 65 -1.91 -0.94 -29.09
N ASP B 66 -0.89 -1.10 -29.93
CA ASP B 66 -0.48 0.00 -30.80
C ASP B 66 -1.63 0.41 -31.72
N ASP B 67 -2.41 -0.55 -32.20
CA ASP B 67 -3.53 -0.19 -33.06
C ASP B 67 -4.55 0.63 -32.29
N ALA B 68 -4.91 0.19 -31.08
CA ALA B 68 -5.89 0.93 -30.29
C ALA B 68 -5.39 2.33 -29.93
N VAL B 69 -4.08 2.48 -29.74
CA VAL B 69 -3.53 3.78 -29.38
C VAL B 69 -3.71 4.77 -30.53
N ARG B 70 -3.45 4.34 -31.76
CA ARG B 70 -3.56 5.22 -32.91
C ARG B 70 -4.99 5.39 -33.41
N LYS B 71 -5.97 4.71 -32.80
CA LYS B 71 -7.36 4.84 -33.18
C LYS B 71 -8.14 5.76 -32.26
N LEU B 72 -7.46 6.69 -31.59
CA LEU B 72 -8.13 7.58 -30.65
C LEU B 72 -7.29 8.83 -30.42
N SER C 5 -24.78 -2.00 18.50
CA SER C 5 -24.84 -1.54 17.11
C SER C 5 -24.11 -0.21 16.96
N ASP C 6 -23.09 0.01 17.79
CA ASP C 6 -22.31 1.23 17.73
C ASP C 6 -20.93 0.92 18.32
N ASN C 7 -19.95 0.71 17.44
CA ASN C 7 -18.62 0.25 17.85
C ASN C 7 -17.54 1.06 17.15
N MET C 8 -17.72 2.38 17.06
CA MET C 8 -16.72 3.23 16.44
C MET C 8 -16.65 4.55 17.18
N PHE C 9 -15.43 5.09 17.31
CA PHE C 9 -15.18 6.25 18.17
C PHE C 9 -14.27 7.21 17.43
N GLN C 10 -14.82 8.37 17.08
CA GLN C 10 -14.07 9.36 16.31
C GLN C 10 -12.92 9.92 17.12
N ILE C 11 -11.78 10.10 16.47
CA ILE C 11 -10.60 10.67 17.12
C ILE C 11 -10.00 11.76 16.24
N GLY C 12 -10.47 11.86 15.01
CA GLY C 12 -9.97 12.85 14.07
C GLY C 12 -11.00 13.23 13.05
N LYS C 13 -10.63 14.03 12.06
CA LYS C 13 -11.59 14.46 11.05
C LYS C 13 -12.10 13.27 10.25
N MET C 14 -11.21 12.34 9.90
CA MET C 14 -11.60 11.13 9.20
C MET C 14 -10.97 9.89 9.85
N ARG C 15 -10.44 10.05 11.05
CA ARG C 15 -9.79 8.97 11.76
C ARG C 15 -10.71 8.49 12.88
N TYR C 16 -10.80 7.17 13.03
CA TYR C 16 -11.71 6.55 13.98
C TYR C 16 -11.03 5.35 14.62
N VAL C 17 -11.57 4.92 15.76
CA VAL C 17 -11.12 3.72 16.44
C VAL C 17 -12.27 2.71 16.41
N SER C 18 -12.11 1.64 15.65
CA SER C 18 -13.12 0.61 15.49
C SER C 18 -12.69 -0.66 16.19
N VAL C 19 -13.69 -1.45 16.59
CA VAL C 19 -13.47 -2.71 17.28
C VAL C 19 -14.45 -3.74 16.73
N ARG C 20 -13.99 -4.99 16.67
CA ARG C 20 -14.82 -6.09 16.20
C ARG C 20 -14.13 -7.41 16.55
N ASP C 21 -14.76 -8.51 16.15
CA ASP C 21 -14.25 -9.87 16.40
C ASP C 21 -14.30 -10.64 15.09
N PHE C 22 -13.22 -10.55 14.32
CA PHE C 22 -13.10 -11.27 13.05
C PHE C 22 -12.69 -12.71 13.33
N LYS C 23 -13.65 -13.63 13.24
CA LYS C 23 -13.38 -15.06 13.41
C LYS C 23 -12.70 -15.33 14.76
N GLY C 24 -13.30 -14.85 15.83
CA GLY C 24 -12.79 -15.02 17.17
C GLY C 24 -11.65 -14.11 17.57
N LYS C 25 -10.83 -13.70 16.61
CA LYS C 25 -9.77 -12.73 16.88
C LYS C 25 -10.38 -11.35 17.08
N VAL C 26 -10.18 -10.78 18.26
CA VAL C 26 -10.68 -9.44 18.57
C VAL C 26 -9.61 -8.43 18.19
N LEU C 27 -10.01 -7.40 17.45
CA LEU C 27 -9.09 -6.40 16.96
C LEU C 27 -9.57 -5.01 17.35
N ILE C 28 -8.66 -4.18 17.80
CA ILE C 28 -8.93 -2.78 18.06
C ILE C 28 -8.13 -1.99 17.03
N ASP C 29 -8.81 -1.48 16.02
CA ASP C 29 -8.15 -0.88 14.87
C ASP C 29 -8.19 0.63 14.96
N ILE C 30 -7.02 1.25 14.79
CA ILE C 30 -6.87 2.69 14.80
C ILE C 30 -6.41 3.10 13.42
N ARG C 31 -7.25 3.79 12.66
CA ARG C 31 -6.84 4.15 11.31
C ARG C 31 -7.70 5.27 10.76
N GLU C 32 -7.26 5.79 9.62
CA GLU C 32 -7.93 6.84 8.88
C GLU C 32 -8.72 6.22 7.74
N TYR C 33 -9.88 6.79 7.46
CA TYR C 33 -10.83 6.27 6.49
C TYR C 33 -10.85 7.15 5.24
N TRP C 34 -11.46 6.62 4.18
CA TRP C 34 -11.64 7.34 2.94
C TRP C 34 -13.00 6.97 2.35
N MET C 35 -13.32 7.58 1.20
CA MET C 35 -14.60 7.41 0.55
C MET C 35 -14.39 6.86 -0.85
N ASP C 36 -15.08 5.75 -1.16
CA ASP C 36 -14.92 5.04 -2.43
C ASP C 36 -15.89 5.61 -3.47
N PRO C 37 -15.71 5.24 -4.75
CA PRO C 37 -16.64 5.71 -5.78
C PRO C 37 -18.08 5.22 -5.62
N GLU C 38 -18.32 4.21 -4.78
CA GLU C 38 -19.68 3.75 -4.54
C GLU C 38 -20.38 4.56 -3.45
N GLY C 39 -19.71 5.60 -2.91
CA GLY C 39 -20.29 6.38 -1.85
C GLY C 39 -20.28 5.73 -0.49
N GLU C 40 -19.26 4.93 -0.18
CA GLU C 40 -19.19 4.20 1.08
C GLU C 40 -17.89 4.54 1.81
N MET C 41 -17.96 4.56 3.13
CA MET C 41 -16.78 4.86 3.95
C MET C 41 -15.92 3.61 4.07
N LYS C 42 -14.68 3.70 3.62
CA LYS C 42 -13.79 2.56 3.64
C LYS C 42 -12.54 2.86 4.47
N PRO C 43 -12.02 1.86 5.17
CA PRO C 43 -10.75 2.03 5.89
C PRO C 43 -9.61 2.23 4.92
N GLY C 44 -8.55 2.88 5.41
CA GLY C 44 -7.40 3.20 4.60
C GLY C 44 -6.14 2.47 5.03
N ARG C 45 -5.05 2.77 4.31
CA ARG C 45 -3.77 2.11 4.55
C ARG C 45 -3.08 2.62 5.80
N LYS C 46 -3.34 3.87 6.19
CA LYS C 46 -2.75 4.45 7.39
C LYS C 46 -3.49 3.96 8.63
N GLY C 47 -2.93 2.96 9.30
CA GLY C 47 -3.57 2.41 10.48
C GLY C 47 -2.97 1.06 10.82
N ILE C 48 -3.43 0.55 11.96
CA ILE C 48 -2.94 -0.74 12.45
C ILE C 48 -4.02 -1.35 13.34
N SER C 49 -4.17 -2.67 13.24
CA SER C 49 -5.11 -3.42 14.07
C SER C 49 -4.36 -4.05 15.23
N LEU C 50 -4.87 -3.85 16.44
CA LEU C 50 -4.24 -4.36 17.64
C LEU C 50 -5.13 -5.40 18.30
N ASN C 51 -4.51 -6.45 18.81
CA ASN C 51 -5.19 -7.42 19.65
C ASN C 51 -5.34 -6.83 21.05
N PRO C 52 -6.22 -7.40 21.87
CA PRO C 52 -6.35 -6.91 23.25
C PRO C 52 -5.04 -6.82 24.00
N GLU C 53 -4.11 -7.75 23.76
CA GLU C 53 -2.80 -7.69 24.40
C GLU C 53 -2.08 -6.40 24.04
N GLN C 54 -1.82 -6.19 22.75
CA GLN C 54 -1.20 -4.94 22.31
C GLN C 54 -2.01 -3.72 22.75
N TRP C 55 -3.33 -3.87 22.86
CA TRP C 55 -4.16 -2.78 23.37
C TRP C 55 -3.89 -2.51 24.84
N SER C 56 -3.62 -3.56 25.63
CA SER C 56 -3.34 -3.35 27.04
C SER C 56 -1.96 -2.73 27.25
N GLN C 57 -0.95 -3.21 26.50
CA GLN C 57 0.40 -2.66 26.65
C GLN C 57 0.46 -1.21 26.18
N LEU C 58 -0.35 -0.84 25.21
CA LEU C 58 -0.42 0.56 24.81
C LEU C 58 -0.89 1.43 25.97
N LYS C 59 -1.93 0.99 26.67
CA LYS C 59 -2.44 1.75 27.80
C LYS C 59 -1.43 1.82 28.93
N GLU C 60 -0.69 0.73 29.17
CA GLU C 60 0.33 0.70 30.20
C GLU C 60 1.59 1.47 29.84
N GLN C 61 1.64 2.07 28.65
CA GLN C 61 2.77 2.87 28.24
C GLN C 61 2.42 4.35 28.01
N ILE C 62 1.16 4.73 28.21
CA ILE C 62 0.72 6.10 27.96
C ILE C 62 1.50 7.09 28.81
N SER C 63 1.88 6.68 30.02
CA SER C 63 2.63 7.55 30.93
C SER C 63 3.86 8.12 30.24
N ASP C 64 4.78 7.25 29.84
CA ASP C 64 6.03 7.70 29.24
C ASP C 64 5.81 8.34 27.87
N ILE C 65 4.81 7.89 27.12
CA ILE C 65 4.57 8.46 25.80
C ILE C 65 4.17 9.93 25.92
N ASP C 66 3.38 10.26 26.95
CA ASP C 66 2.89 11.62 27.11
C ASP C 66 4.01 12.59 27.43
N ASP C 67 4.97 12.16 28.24
CA ASP C 67 6.08 13.02 28.62
C ASP C 67 7.23 12.95 27.62
N ALA C 68 7.23 11.98 26.70
CA ALA C 68 8.18 12.01 25.60
C ALA C 68 7.83 13.10 24.59
N VAL C 69 6.54 13.37 24.42
CA VAL C 69 6.13 14.51 23.60
C VAL C 69 6.57 15.82 24.25
N ARG C 70 6.42 15.93 25.57
CA ARG C 70 6.81 17.14 26.27
C ARG C 70 8.32 17.41 26.17
N LYS C 71 9.13 16.35 26.17
CA LYS C 71 10.58 16.53 26.00
C LYS C 71 10.94 17.00 24.61
N LEU C 72 10.03 16.87 23.64
CA LEU C 72 10.29 17.31 22.28
C LEU C 72 9.61 18.65 22.00
N ASP D 6 16.33 5.17 20.86
CA ASP D 6 15.56 6.40 21.03
C ASP D 6 14.37 6.17 21.97
N ASN D 7 13.37 7.07 21.88
CA ASN D 7 12.18 6.96 22.71
C ASN D 7 11.18 6.01 22.06
N MET D 8 11.52 4.72 22.13
CA MET D 8 10.70 3.64 21.60
C MET D 8 9.90 2.99 22.72
N PHE D 9 8.68 2.56 22.41
CA PHE D 9 7.80 1.99 23.42
C PHE D 9 7.11 0.76 22.82
N GLN D 10 7.58 -0.42 23.21
CA GLN D 10 7.06 -1.66 22.65
C GLN D 10 5.65 -1.92 23.16
N ILE D 11 4.76 -2.27 22.22
CA ILE D 11 3.39 -2.65 22.57
C ILE D 11 3.06 -4.06 22.14
N GLY D 12 3.77 -4.64 21.19
CA GLY D 12 3.46 -5.97 20.73
C GLY D 12 4.70 -6.80 20.51
N LYS D 13 4.65 -7.71 19.55
CA LYS D 13 5.79 -8.57 19.28
C LYS D 13 6.89 -7.77 18.61
N MET D 14 6.59 -7.16 17.47
CA MET D 14 7.50 -6.27 16.76
C MET D 14 6.80 -4.97 16.41
N ARG D 15 5.98 -4.47 17.34
CA ARG D 15 5.23 -3.23 17.14
C ARG D 15 5.57 -2.25 18.26
N TYR D 16 6.02 -1.07 17.88
CA TYR D 16 6.45 -0.05 18.81
C TYR D 16 5.65 1.23 18.55
N VAL D 17 5.69 2.13 19.52
CA VAL D 17 5.15 3.47 19.37
C VAL D 17 6.31 4.44 19.46
N SER D 18 6.27 5.51 18.65
CA SER D 18 7.39 6.43 18.54
C SER D 18 6.91 7.86 18.70
N VAL D 19 7.61 8.63 19.52
CA VAL D 19 7.37 10.06 19.64
C VAL D 19 8.45 10.75 18.82
N ARG D 20 8.09 11.23 17.64
CA ARG D 20 9.06 11.82 16.73
C ARG D 20 8.65 13.24 16.37
N ASP D 21 9.67 14.07 16.12
CA ASP D 21 9.48 15.41 15.56
C ASP D 21 9.85 15.33 14.08
N PHE D 22 8.92 14.79 13.29
CA PHE D 22 9.15 14.55 11.87
C PHE D 22 9.16 15.88 11.13
N LYS D 23 10.32 16.56 11.20
CA LYS D 23 10.55 17.79 10.45
C LYS D 23 9.49 18.86 10.73
N LYS D 25 7.05 18.71 13.09
CA LYS D 25 5.77 18.29 13.66
C LYS D 25 5.95 17.12 14.61
N VAL D 26 5.33 17.21 15.78
CA VAL D 26 5.37 16.14 16.75
C VAL D 26 4.28 15.12 16.42
N LEU D 27 4.66 13.86 16.34
CA LEU D 27 3.72 12.81 15.97
C LEU D 27 3.95 11.59 16.83
N ILE D 28 2.85 11.00 17.29
CA ILE D 28 2.88 9.74 18.03
C ILE D 28 2.53 8.65 17.03
N ASP D 29 3.51 7.84 16.66
CA ASP D 29 3.40 6.90 15.56
C ASP D 29 3.37 5.46 16.07
N ILE D 30 2.29 4.75 15.76
CA ILE D 30 2.14 3.33 16.07
C ILE D 30 2.39 2.54 14.80
N ARG D 31 3.35 1.61 14.85
CA ARG D 31 3.85 1.00 13.63
C ARG D 31 4.32 -0.42 13.92
N GLU D 32 4.21 -1.27 12.91
CA GLU D 32 4.79 -2.60 12.96
C GLU D 32 6.16 -2.55 12.28
N TYR D 33 7.09 -3.32 12.80
CA TYR D 33 8.47 -3.29 12.32
C TYR D 33 8.88 -4.68 11.85
N TRP D 34 9.94 -4.73 11.06
CA TRP D 34 10.41 -5.97 10.45
C TRP D 34 11.93 -6.04 10.55
N MET D 35 12.45 -7.23 10.33
CA MET D 35 13.90 -7.45 10.33
C MET D 35 14.44 -7.38 8.90
N ASP D 36 15.62 -6.79 8.76
CA ASP D 36 16.41 -6.57 7.55
C ASP D 36 17.52 -7.61 7.42
N PRO D 37 17.89 -7.99 6.20
CA PRO D 37 19.02 -8.92 6.02
C PRO D 37 20.31 -8.47 6.68
N GLU D 38 20.48 -7.16 6.92
CA GLU D 38 21.64 -6.65 7.62
C GLU D 38 21.50 -6.74 9.14
N GLY D 39 20.54 -7.52 9.63
CA GLY D 39 20.31 -7.66 11.05
C GLY D 39 19.56 -6.51 11.69
N GLU D 40 19.50 -5.35 11.06
CA GLU D 40 18.85 -4.20 11.64
C GLU D 40 17.33 -4.39 11.67
N MET D 41 16.66 -3.48 12.37
CA MET D 41 15.21 -3.45 12.46
C MET D 41 14.70 -2.23 11.71
N LYS D 42 13.74 -2.45 10.81
CA LYS D 42 13.24 -1.36 10.00
C LYS D 42 11.73 -1.19 10.18
N PRO D 43 11.22 0.03 10.03
CA PRO D 43 9.77 0.24 10.15
C PRO D 43 9.03 -0.14 8.88
N GLY D 44 7.86 -0.75 9.06
CA GLY D 44 7.01 -1.11 7.94
C GLY D 44 6.00 -0.02 7.64
N ARG D 45 5.20 -0.29 6.60
CA ARG D 45 4.15 0.65 6.21
C ARG D 45 2.82 0.37 6.89
N LYS D 46 2.74 -0.70 7.69
CA LYS D 46 1.56 -0.99 8.48
C LYS D 46 1.62 -0.17 9.76
N GLY D 47 1.34 1.12 9.61
CA GLY D 47 1.33 2.01 10.75
C GLY D 47 0.44 3.21 10.53
N ILE D 48 0.48 4.13 11.50
CA ILE D 48 -0.24 5.39 11.41
C ILE D 48 0.41 6.38 12.38
N SER D 49 0.53 7.63 11.95
CA SER D 49 1.02 8.70 12.80
C SER D 49 -0.13 9.61 13.20
N LEU D 50 -0.26 9.88 14.50
CA LEU D 50 -1.32 10.71 15.04
C LEU D 50 -0.71 11.97 15.62
N ASN D 51 -1.33 13.12 15.33
CA ASN D 51 -0.90 14.35 15.98
C ASN D 51 -1.39 14.36 17.42
N PRO D 52 -0.81 15.21 18.27
CA PRO D 52 -1.29 15.26 19.66
C PRO D 52 -2.78 15.50 19.79
N GLU D 53 -3.43 16.13 18.81
CA GLU D 53 -4.88 16.30 18.86
C GLU D 53 -5.59 14.95 18.85
N GLN D 54 -5.32 14.14 17.81
CA GLN D 54 -5.98 12.84 17.69
C GLN D 54 -5.58 11.90 18.82
N TRP D 55 -4.35 12.03 19.32
CA TRP D 55 -3.91 11.22 20.46
C TRP D 55 -4.70 11.55 21.71
N SER D 56 -5.00 12.83 21.94
CA SER D 56 -5.84 13.21 23.07
C SER D 56 -7.25 12.67 22.93
N GLN D 57 -7.84 12.81 21.74
CA GLN D 57 -9.15 12.22 21.49
C GLN D 57 -9.14 10.73 21.72
N LEU D 58 -8.08 10.05 21.25
CA LEU D 58 -7.93 8.63 21.51
C LEU D 58 -7.95 8.34 23.00
N LYS D 59 -7.27 9.17 23.78
CA LYS D 59 -7.17 8.90 25.21
C LYS D 59 -8.50 9.16 25.91
N GLU D 60 -9.31 10.06 25.39
CA GLU D 60 -10.59 10.38 26.03
C GLU D 60 -11.66 9.34 25.77
N GLN D 61 -11.39 8.30 24.98
CA GLN D 61 -12.41 7.32 24.65
C GLN D 61 -12.01 5.89 24.99
N ILE D 62 -10.86 5.68 25.65
CA ILE D 62 -10.46 4.33 26.04
C ILE D 62 -11.55 3.65 26.84
N SER D 63 -12.20 4.40 27.74
CA SER D 63 -13.30 3.84 28.52
C SER D 63 -14.40 3.32 27.61
N ASP D 64 -14.77 4.09 26.59
CA ASP D 64 -15.82 3.66 25.67
C ASP D 64 -15.37 2.45 24.87
N ILE D 65 -14.09 2.41 24.47
CA ILE D 65 -13.57 1.28 23.72
C ILE D 65 -13.45 0.05 24.62
N ASP D 66 -12.99 0.25 25.86
CA ASP D 66 -12.90 -0.88 26.79
C ASP D 66 -14.28 -1.49 27.06
N ASP D 67 -15.33 -0.68 27.03
CA ASP D 67 -16.67 -1.24 27.14
C ASP D 67 -17.01 -2.08 25.91
N ALA D 68 -16.63 -1.61 24.72
CA ALA D 68 -16.98 -2.32 23.49
C ALA D 68 -16.29 -3.67 23.40
N VAL D 69 -15.01 -3.73 23.79
CA VAL D 69 -14.28 -4.99 23.72
C VAL D 69 -14.84 -5.99 24.73
N ARG D 70 -15.25 -5.51 25.90
CA ARG D 70 -15.87 -6.40 26.88
C ARG D 70 -17.20 -6.93 26.36
N LYS D 71 -18.03 -6.06 25.81
CA LYS D 71 -19.33 -6.44 25.28
C LYS D 71 -19.20 -7.47 24.16
C02 OKT E 2 4.19 4.53 0.95
C02 OKT E 2 4.25 4.57 0.96
C1' OKT E 2 3.03 5.50 -2.37
C1' OKT E 2 3.04 5.45 -2.35
C2 OKT E 2 4.02 7.00 -4.01
C2 OKT E 2 3.99 6.97 -4.00
C2' OKT E 2 2.96 5.21 -0.87
C2' OKT E 2 2.98 5.18 -0.84
C3' OKT E 2 1.66 4.45 -0.73
C3' OKT E 2 1.65 4.46 -0.67
C4 OKT E 2 5.01 9.14 -3.32
C4 OKT E 2 4.98 9.11 -3.32
C4' OKT E 2 0.81 4.91 -1.91
C4' OKT E 2 0.81 4.93 -1.85
C5 OKT E 2 4.67 8.81 -1.96
C5 OKT E 2 4.64 8.79 -1.97
C5' OKT E 2 -0.35 5.80 -1.55
C5' OKT E 2 -0.28 5.91 -1.49
C6 OKT E 2 4.04 7.65 -1.71
C6 OKT E 2 4.04 7.63 -1.70
N1 OKT E 2 3.72 6.76 -2.69
N1 OKT E 2 3.71 6.71 -2.68
N3 OKT E 2 4.65 8.19 -4.25
N3 OKT E 2 4.62 8.16 -4.25
O01 OKT E 2 4.05 4.37 -0.46
O01 OKT E 2 4.05 4.34 -0.43
O2 OKT E 2 3.74 6.23 -4.91
O2 OKT E 2 3.72 6.19 -4.89
O3' OKT E 2 1.89 3.05 -0.85
O3' OKT E 2 1.86 3.05 -0.78
O4 OKT E 2 5.58 10.16 -3.68
O4 OKT E 2 5.54 10.14 -3.70
O4' OKT E 2 1.71 5.61 -2.81
O4' OKT E 2 1.70 5.55 -2.79
O5' OKT E 2 0.11 7.03 -1.01
O5' OKT E 2 0.26 6.98 -0.74
OP1 OKT E 2 -1.59 8.89 -1.01
OP1 OKT E 2 0.16 8.35 1.37
P OKT E 2 -0.86 7.94 -0.14
P OKT E 2 -0.66 7.82 0.24
S01 OKT E 2 0.11 8.59 1.52
S01 OKT E 2 -1.82 9.09 -0.86
C RFJ E 3 6.57 -2.66 -3.82
C RFJ E 3 6.70 -2.99 -3.78
C1' RFJ E 3 5.17 -2.27 -1.63
C1' RFJ E 3 5.23 -2.24 -1.66
C2 RFJ E 3 7.01 -5.74 0.19
C2 RFJ E 3 7.02 -5.73 0.16
C2' RFJ E 3 4.59 -3.24 -2.68
C2' RFJ E 3 4.62 -3.12 -2.77
C3' RFJ E 3 3.22 -2.66 -2.97
C3' RFJ E 3 3.21 -2.57 -2.87
C4 RFJ E 3 5.71 -3.94 0.18
C4 RFJ E 3 5.73 -3.94 0.14
C4' RFJ E 3 3.43 -1.16 -2.74
C4' RFJ E 3 3.53 -1.08 -2.74
C5 RFJ E 3 5.30 -4.08 1.48
C5 RFJ E 3 5.30 -4.08 1.44
C5' RFJ E 3 2.17 -0.43 -2.38
C5' RFJ E 3 2.35 -0.20 -2.43
C6 RFJ E 3 5.81 -5.17 2.25
C6 RFJ E 3 5.79 -5.18 2.20
C8 RFJ E 3 4.31 -2.34 0.76
C8 RFJ E 3 4.34 -2.34 0.71
N1 RFJ E 3 6.67 -5.96 1.49
N1 RFJ E 3 6.66 -5.96 1.46
N2 RFJ E 3 7.86 -6.61 -0.36
N2 RFJ E 3 7.88 -6.62 -0.38
N3 RFJ E 3 6.56 -4.72 -0.53
N3 RFJ E 3 6.58 -4.72 -0.57
N7 RFJ E 3 4.42 -3.06 1.83
N7 RFJ E 3 4.42 -3.06 1.79
N9 RFJ E 3 5.07 -2.82 -0.28
N9 RFJ E 3 5.10 -2.81 -0.33
O2' RFJ E 3 5.34 -3.39 -3.89
O2' RFJ E 3 5.29 -2.97 -4.02
O3' RFJ E 3 2.84 -2.93 -4.32
O3' RFJ E 3 2.63 -2.86 -4.13
O4' RFJ E 3 4.39 -1.09 -1.66
O4' RFJ E 3 4.50 -1.03 -1.68
O5' RFJ E 3 2.41 0.91 -2.00
O5' RFJ E 3 2.74 0.91 -1.65
O6 RFJ E 3 5.57 -5.48 3.41
O6 RFJ E 3 5.53 -5.48 3.37
OP2 RFJ E 3 0.16 1.76 -1.22
OP2 RFJ E 3 2.20 1.20 0.79
P RFJ E 3 1.57 1.53 -0.79
P RFJ E 3 1.72 1.51 -0.58
S RFJ E 3 2.00 0.50 0.91
S RFJ E 3 -0.17 1.04 -1.15
C2 OKQ E 4 5.15 -8.75 -0.75
C2 OKQ E 4 5.10 -8.81 -0.75
C4 OKQ E 4 3.72 -7.59 0.72
C4 OKQ E 4 3.74 -7.63 0.75
C5 OKQ E 4 3.44 -6.62 -0.29
C5 OKQ E 4 3.46 -6.64 -0.24
C6 OKQ E 4 4.04 -6.77 -1.48
C6 OKQ E 4 4.03 -6.80 -1.45
O2 OKQ E 4 5.92 -9.69 -1.02
O2 OKQ E 4 5.85 -9.76 -1.02
C1' OKQ E 4 5.50 -7.95 -3.06
C1' OKQ E 4 5.45 -8.01 -3.04
C2' OKQ E 4 4.87 -9.05 -3.92
C2' OKQ E 4 4.74 -9.04 -3.92
C3' OKQ E 4 3.85 -8.27 -4.72
C3' OKQ E 4 3.75 -8.19 -4.69
C4' OKQ E 4 4.62 -6.99 -4.98
C4' OKQ E 4 4.61 -6.95 -4.94
C5' OKQ E 4 3.76 -5.81 -5.34
C5' OKQ E 4 3.81 -5.70 -5.22
CM2 OKQ E 4 6.47 -10.69 -4.04
CM2 OKQ E 4 6.36 -10.66 -4.06
N1 OKQ E 4 4.86 -7.80 -1.74
N1 OKQ E 4 4.83 -7.85 -1.71
N3 OKQ E 4 4.56 -8.63 0.48
N3 OKQ E 4 4.54 -8.69 0.50
N4 OKQ E 4 3.17 -7.50 1.92
N4 OKQ E 4 3.20 -7.53 1.97
O2' OKQ E 4 5.84 -9.64 -4.78
O2' OKQ E 4 5.67 -9.67 -4.81
O3' OKQ E 4 3.51 -8.92 -5.94
O3' OKQ E 4 3.36 -8.79 -5.92
O4' OKQ E 4 5.32 -6.74 -3.75
O4' OKQ E 4 5.35 -6.77 -3.71
O5' OKQ E 4 2.95 -5.44 -4.23
O5' OKQ E 4 2.76 -5.58 -4.28
P1 OKQ E 4 1.96 -4.21 -4.38
P1 OKQ E 4 1.89 -4.23 -4.27
O1 OKQ E 4 1.54 -4.13 -5.80
O1 OKQ E 4 1.12 -4.16 -3.02
S1 OKQ E 4 0.55 -4.30 -2.92
S1 OKQ E 4 0.97 -4.08 -6.07
C02 OKT E 5 3.30 -16.79 -3.14
C02 OKT E 5 3.38 -16.76 -3.17
C1' OKT E 5 3.61 -13.43 -2.96
C1' OKT E 5 3.51 -13.45 -2.89
C2 OKT E 5 3.04 -13.58 -0.60
C2 OKT E 5 2.84 -13.71 -0.54
C2' OKT E 5 2.76 -14.59 -3.53
C2' OKT E 5 2.68 -14.60 -3.49
C3' OKT E 5 2.09 -13.95 -4.72
C3' OKT E 5 1.95 -13.88 -4.61
C4 OKT E 5 1.71 -11.81 0.49
C4 OKT E 5 1.81 -11.84 0.68
C4' OKT E 5 3.20 -13.03 -5.20
C4' OKT E 5 3.08 -13.02 -5.14
C5 OKT E 5 1.67 -11.14 -0.77
C5 OKT E 5 1.93 -11.06 -0.51
C5' OKT E 5 2.78 -11.97 -6.20
C5' OKT E 5 2.65 -12.00 -6.16
C6 OKT E 5 2.28 -11.67 -1.84
C6 OKT E 5 2.47 -11.60 -1.60
N1 OKT E 5 2.96 -12.86 -1.77
N1 OKT E 5 2.92 -12.89 -1.66
N3 OKT E 5 2.42 -13.00 0.48
N3 OKT E 5 2.27 -13.12 0.57
O01 OKT E 5 3.60 -15.66 -3.95
O01 OKT E 5 3.53 -15.62 -4.02
O2 OKT E 5 3.64 -14.63 -0.48
O2 OKT E 5 3.22 -14.87 -0.50
O3' OKT E 5 1.76 -14.92 -5.71
O3' OKT E 5 1.49 -14.79 -5.61
O4 OKT E 5 1.20 -11.43 1.54
O4 OKT E 5 1.33 -11.47 1.75
O4' OKT E 5 3.70 -12.46 -3.98
O4' OKT E 5 3.57 -12.44 -3.90
O5' OKT E 5 2.94 -10.69 -5.63
O5' OKT E 5 3.01 -10.68 -5.80
OP1 OKT E 5 1.36 -9.75 -7.37
OP1 OKT E 5 1.52 -9.18 -4.45
P OKT E 5 2.06 -9.44 -6.09
P OKT E 5 1.97 -9.49 -5.84
S01 OKT E 5 0.98 -8.75 -4.51
S01 OKT E 5 0.57 -9.86 -7.26
S2 PPS E 6 -0.47 -12.67 -5.11
S2 PPS E 6 -0.60 -15.15 -7.98
O6P PPS E 6 -0.24 -13.39 -5.51
P2 PPS E 6 0.28 -14.45 -5.76
P2 PPS E 6 0.01 -14.74 -6.09
O5P PPS E 6 -0.15 -14.95 -7.09
O5' PPS E 6 -0.05 -15.56 -4.69
O5' PPS E 6 -0.59 -15.84 -5.10
C5' PPS E 6 0.01 -16.93 -5.03
C5' PPS E 6 0.14 -17.02 -4.81
C4' PPS E 6 -0.58 -17.77 -3.92
C4' PPS E 6 -0.55 -17.83 -3.75
O4' PPS E 6 0.07 -17.38 -2.68
O4' PPS E 6 0.10 -17.58 -2.48
C1' PPS E 6 -0.86 -17.41 -1.63
C1' PPS E 6 -0.86 -17.52 -1.45
N9 PPS E 6 -0.97 -16.07 -1.06
N9 PPS E 6 -0.94 -16.14 -0.97
C4 PPS E 6 -1.34 -15.74 0.23
C4 PPS E 6 -1.32 -15.75 0.29
N3 PPS E 6 -1.67 -16.57 1.23
N3 PPS E 6 -1.71 -16.53 1.32
C2 PPS E 6 -1.97 -15.90 2.35
C2 PPS E 6 -2.00 -15.81 2.40
N1 PPS E 6 -1.97 -14.58 2.57
N1 PPS E 6 -1.99 -14.48 2.57
C6 PPS E 6 -1.64 -13.79 1.53
C6 PPS E 6 -1.60 -13.74 1.51
N6 PPS E 6 -1.64 -12.47 1.71
N6 PPS E 6 -1.56 -12.40 1.65
C5 PPS E 6 -1.30 -14.36 0.29
C5 PPS E 6 -1.25 -14.36 0.30
N7 PPS E 6 -0.91 -13.82 -0.94
N7 PPS E 6 -0.82 -13.89 -0.93
C8 PPS E 6 -0.74 -14.88 -1.70
C8 PPS E 6 -0.65 -14.98 -1.65
C2' PPS E 6 -2.18 -17.95 -2.21
C2' PPS E 6 -2.17 -18.01 -2.09
C3' PPS E 6 -2.07 -17.57 -3.67
C3' PPS E 6 -2.01 -17.49 -3.50
O3' PPS E 6 -2.84 -18.45 -4.49
O3' PPS E 6 -2.88 -18.19 -4.40
P GS E 7 -4.33 -18.28 -4.94
P GS E 7 -4.35 -17.73 -4.65
OP1 GS E 7 -4.30 -19.23 -6.09
OP1 GS E 7 -4.11 -16.38 -4.05
S2P GS E 7 -5.23 -16.47 -5.13
S2P GS E 7 -5.59 -17.87 -6.25
O5' GS E 7 -4.93 -18.99 -3.64
O5' GS E 7 -4.86 -18.70 -3.49
C5' GS E 7 -5.82 -18.23 -2.85
C5' GS E 7 -6.22 -18.69 -3.12
C4' GS E 7 -6.21 -18.91 -1.55
C4' GS E 7 -6.44 -19.03 -1.67
O4' GS E 7 -5.14 -18.83 -0.57
O4' GS E 7 -5.30 -18.76 -0.83
C3' GS E 7 -7.42 -18.25 -0.89
C3' GS E 7 -7.58 -18.26 -1.00
O3' GS E 7 -8.60 -18.90 -1.36
O3' GS E 7 -8.86 -18.77 -1.38
C2' GS E 7 -7.20 -18.58 0.58
C2' GS E 7 -7.29 -18.58 0.46
C1' GS E 7 -5.67 -18.34 0.65
C1' GS E 7 -5.76 -18.34 0.46
N9 GS E 7 -5.34 -16.93 0.74
N9 GS E 7 -5.42 -16.93 0.60
C8 GS E 7 -4.81 -16.14 -0.24
C8 GS E 7 -4.90 -16.12 -0.38
N7 GS E 7 -4.62 -14.90 0.14
N7 GS E 7 -4.70 -14.90 0.04
C5 GS E 7 -5.06 -14.88 1.46
C5 GS E 7 -5.12 -14.90 1.36
C6 GS E 7 -5.12 -13.82 2.40
C6 GS E 7 -5.15 -13.86 2.32
O6 GS E 7 -4.77 -12.63 2.26
O6 GS E 7 -4.80 -12.67 2.22
N1 GS E 7 -5.64 -14.24 3.61
N1 GS E 7 -5.65 -14.30 3.55
C2 GS E 7 -6.06 -15.52 3.89
C2 GS E 7 -6.07 -15.58 3.79
N2 GS E 7 -6.53 -15.73 5.13
N2 GS E 7 -6.53 -15.81 5.04
N3 GS E 7 -6.02 -16.52 3.03
N3 GS E 7 -6.05 -16.57 2.91
C4 GS E 7 -5.51 -16.13 1.84
C4 GS E 7 -5.56 -16.15 1.72
C2 OKN E 8 -9.60 -14.04 3.01
C2 OKN E 8 -9.71 -14.10 3.02
C4 OKN E 8 -8.27 -12.78 1.55
C4 OKN E 8 -8.37 -12.79 1.61
C1' OKN E 8 -10.50 -16.23 2.32
C1' OKN E 8 -10.55 -16.30 2.24
C2' OKN E 8 -12.00 -15.95 2.07
C2' OKN E 8 -12.08 -16.05 2.13
C3' OKN E 8 -12.22 -16.66 0.74
C3' OKN E 8 -12.36 -16.60 0.74
C4' OKN E 8 -11.37 -17.90 1.00
C4' OKN E 8 -11.46 -17.83 0.76
C5 OKN E 8 -8.38 -13.79 0.55
C5 OKN E 8 -8.44 -13.79 0.59
C5' OKN E 8 -11.12 -18.84 -0.15
C5' OKN E 8 -11.27 -18.53 -0.56
C6 OKN E 8 -9.11 -14.87 0.84
C6 OKN E 8 -9.15 -14.89 0.85
CM5 OKN E 8 -7.72 -13.65 -0.80
CM5 OKN E 8 -7.74 -13.63 -0.74
N1 OKN E 8 -9.70 -15.04 2.03
N1 OKN E 8 -9.78 -15.08 2.02
N3 OKN E 8 -8.86 -12.91 2.74
N3 OKN E 8 -8.99 -12.95 2.79
N4 OKN E 8 -7.55 -11.67 1.31
N4 OKN E 8 -7.67 -11.66 1.40
O2 OKN E 8 -10.16 -14.20 4.10
O2 OKN E 8 -10.30 -14.27 4.10
O3' OKN E 8 -13.60 -16.96 0.55
O3' OKN E 8 -13.74 -16.94 0.60
O4' OKN E 8 -10.13 -17.29 1.45
O4' OKN E 8 -10.22 -17.27 1.26
O5' OKN E 8 -10.97 -18.16 -1.38
O5' OKN E 8 -10.71 -17.63 -1.52
OP1 OKN E 8 -9.85 -19.83 -2.85
OP1 OKN E 8 -8.96 -16.92 -3.18
P OKN E 8 -9.73 -18.46 -2.33
P OKN E 8 -9.61 -18.10 -2.56
S01 OKN E 8 -9.39 -16.91 -3.59
S01 OKN E 8 -10.40 -19.53 -3.76
C2 OKN E 9 -12.80 -10.63 4.21
C2 OKN E 9 -12.93 -10.65 4.12
C4 OKN E 9 -11.27 -10.49 2.44
C4 OKN E 9 -11.32 -10.41 2.41
C1' OKN E 9 -14.71 -12.18 4.12
C1' OKN E 9 -14.80 -12.24 3.87
C2' OKN E 9 -16.03 -11.62 3.54
C2' OKN E 9 -16.05 -11.80 3.09
C3' OKN E 9 -16.95 -12.82 3.50
C3' OKN E 9 -16.87 -13.07 2.97
C4' OKN E 9 -15.96 -13.96 3.23
C4' OKN E 9 -15.80 -14.15 2.97
C5 OKN E 9 -11.99 -11.48 1.72
C5 OKN E 9 -12.00 -11.38 1.62
C5' OKN E 9 -15.70 -14.21 1.77
C5' OKN E 9 -15.28 -14.47 1.59
C6 OKN E 9 -13.09 -12.00 2.29
C6 OKN E 9 -13.10 -11.95 2.13
CM5 OKN E 9 -11.54 -11.94 0.36
CM5 OKN E 9 -11.47 -11.79 0.27
N1 OKN E 9 -13.51 -11.60 3.51
N1 OKN E 9 -13.58 -11.61 3.34
N3 OKN E 9 -11.67 -10.08 3.65
N3 OKN E 9 -11.79 -10.05 3.63
N4 OKN E 9 -10.17 -9.94 1.90
N4 OKN E 9 -10.21 -9.82 1.95
O2 OKN E 9 -13.21 -10.28 5.33
O2 OKN E 9 -13.40 -10.35 5.22
O3' OKN E 9 -17.61 -13.02 4.76
O3' OKN E 9 -17.76 -13.23 4.10
O4' OKN E 9 -14.72 -13.58 3.87
O4' OKN E 9 -14.70 -13.64 3.74
O5' OKN E 9 -14.93 -15.38 1.59
O5' OKN E 9 -15.38 -15.86 1.31
OP1 OKN E 9 -13.62 -14.98 -0.52
OP1 OKN E 9 -16.11 -17.12 -0.72
P OKN E 9 -14.63 -15.88 0.12
P OKN E 9 -14.98 -16.36 -0.16
S01 OKN E 9 -16.43 -16.18 -0.80
S01 OKN E 9 -14.22 -14.78 -1.20
P PST E 10 -19.06 -12.49 4.58
P PST E 10 -19.02 -12.31 4.05
OP1 PST E 10 -19.80 -13.58 5.27
OP2 PST E 10 -19.19 -11.66 2.71
SP PST E 10 -19.73 -11.82 2.78
SP PST E 10 -20.57 -13.36 4.81
O5' PST E 10 -18.95 -11.26 5.58
O5' PST E 10 -18.64 -11.20 5.11
C5' PST E 10 -19.29 -9.96 5.15
C5' PST E 10 -19.17 -9.89 4.98
C4' PST E 10 -18.58 -8.98 6.05
C4' PST E 10 -18.61 -9.00 6.04
O4' PST E 10 -18.68 -9.43 7.41
O4' PST E 10 -18.73 -9.65 7.33
C3' PST E 10 -17.08 -8.81 5.81
C3' PST E 10 -17.12 -8.67 5.94
O3' PST E 10 -16.87 -7.73 4.90
O3' PST E 10 -16.95 -7.48 5.17
C2' PST E 10 -16.54 -8.42 7.18
C2' PST E 10 -16.70 -8.39 7.36
C1' PST E 10 -17.53 -9.09 8.14
C1' PST E 10 -17.71 -9.21 8.19
N1 PST E 10 -17.03 -10.33 8.79
N1 PST E 10 -17.15 -10.41 8.83
C2 PST E 10 -16.39 -10.23 10.00
C2 PST E 10 -16.48 -10.28 10.03
O2 PST E 10 -16.20 -9.17 10.57
O2 PST E 10 -16.31 -9.20 10.60
N3 PST E 10 -15.98 -11.43 10.52
N3 PST E 10 -16.01 -11.45 10.54
C4 PST E 10 -16.15 -12.68 9.96
C4 PST E 10 -16.15 -12.71 9.99
O4 PST E 10 -15.72 -13.66 10.55
O4 PST E 10 -15.67 -13.67 10.57
C5 PST E 10 -16.82 -12.71 8.69
C5 PST E 10 -16.86 -12.79 8.74
C5M PST E 10 -17.04 -14.03 8.02
C5M PST E 10 -17.05 -14.11 8.08
C6 PST E 10 -17.23 -11.55 8.17
C6 PST E 10 -17.33 -11.63 8.24
C2 OKN E 11 -13.91 -9.39 -0.59
C2 OKN E 11 -13.90 -9.27 -0.66
C4 OKN E 11 -15.99 -10.47 -0.82
C4 OKN E 11 -15.92 -10.48 -0.81
C1' OKN E 11 -13.68 -7.52 1.01
C1' OKN E 11 -13.74 -7.29 0.79
C2' OKN E 11 -14.42 -6.18 1.04
C2' OKN E 11 -14.54 -5.99 0.90
C3' OKN E 11 -13.84 -5.51 2.26
C3' OKN E 11 -14.01 -5.40 2.20
C4' OKN E 11 -13.56 -6.70 3.19
C4' OKN E 11 -13.78 -6.65 3.03
C5 OKN E 11 -16.57 -9.62 0.15
C5 OKN E 11 -16.54 -9.60 0.11
C5' OKN E 11 -14.61 -6.90 4.24
C5' OKN E 11 -15.04 -7.17 3.68
C6 OKN E 11 -15.78 -8.69 0.71
C6 OKN E 11 -15.80 -8.60 0.60
CM5 OKN E 11 -18.02 -9.74 0.56
CM5 OKN E 11 -17.99 -9.78 0.53
N1 OKN E 11 -14.49 -8.56 0.38
N1 OKN E 11 -14.52 -8.41 0.24
N3 OKN E 11 -14.69 -10.36 -1.18
N3 OKN E 11 -14.63 -10.32 -1.18
N4 OKN E 11 -16.74 -11.42 -1.41
N4 OKN E 11 -16.60 -11.51 -1.33
O2 OKN E 11 -12.72 -9.24 -0.88
O2 OKN E 11 -12.72 -9.07 -0.97
O3' OKN E 11 -12.60 -4.86 1.93
O3' OKN E 11 -12.75 -4.76 1.98
O4' OKN E 11 -13.49 -7.88 2.35
O4' OKN E 11 -13.32 -7.65 2.09
O5' OKN E 11 -15.63 -5.91 4.17
O5' OKN E 11 -15.61 -6.24 4.60
OP1 OKN E 11 -17.22 -5.23 5.99
OP1 OKN E 11 -17.87 -6.63 3.55
P OKN E 11 -17.04 -6.17 4.85
P OKN E 11 -17.18 -6.01 4.70
S01 OKN E 11 -18.48 -6.33 3.44
S01 OKN E 11 -17.53 -4.08 5.15
P PST E 12 -12.42 -3.49 1.21
P PST E 12 -12.72 -3.47 1.12
OP1 PST E 12 -11.75 -2.66 2.25
OP2 PST E 12 -14.04 -2.89 0.71
SP PST E 12 -14.19 -2.87 0.43
SP PST E 12 -11.53 -2.46 2.40
O5' PST E 12 -11.41 -3.69 0.02
O5' PST E 12 -11.89 -3.79 -0.20
C5' PST E 12 -10.97 -4.98 -0.34
C5' PST E 12 -10.95 -4.85 -0.23
C4' PST E 12 -10.40 -4.94 -1.73
C4' PST E 12 -10.49 -5.06 -1.65
O4' PST E 12 -10.94 -6.05 -2.48
O4' PST E 12 -11.18 -6.21 -2.19
C3' PST E 12 -10.75 -3.68 -2.51
C3' PST E 12 -10.79 -3.90 -2.60
O3' PST E 12 -9.75 -3.44 -3.51
O3' PST E 12 -9.74 -3.78 -3.56
C2' PST E 12 -12.06 -4.08 -3.17
C2' PST E 12 -12.08 -4.32 -3.28
C1' PST E 12 -11.83 -5.57 -3.47
C1' PST E 12 -11.91 -5.86 -3.35
N1 PST E 12 -13.04 -6.41 -3.46
N1 PST E 12 -13.18 -6.61 -3.35
C2 PST E 12 -13.00 -7.68 -4.00
C2 PST E 12 -13.21 -7.87 -3.92
O2 PST E 12 -11.99 -8.17 -4.49
O2 PST E 12 -12.23 -8.41 -4.42
N3 PST E 12 -14.19 -8.37 -3.94
N3 PST E 12 -14.43 -8.49 -3.88
C4 PST E 12 -15.39 -7.93 -3.41
C4 PST E 12 -15.61 -8.00 -3.34
O4 PST E 12 -16.38 -8.67 -3.43
O4 PST E 12 -16.63 -8.67 -3.38
C5 PST E 12 -15.36 -6.58 -2.87
C5 PST E 12 -15.51 -6.68 -2.77
C5M PST E 12 -16.61 -6.01 -2.27
C5M PST E 12 -16.72 -6.04 -2.15
C6 PST E 12 -14.21 -5.91 -2.92
C6 PST E 12 -14.32 -6.06 -2.80
P GS E 13 -8.63 -2.52 -4.08
P GS E 13 -9.15 -2.36 -3.70
OP1 GS E 13 -7.66 -3.28 -4.90
OP1 GS E 13 -8.34 -1.45 -2.85
S2P GS E 13 -8.00 -1.26 -2.63
S2P GS E 13 -8.23 -3.84 -4.73
O5' GS E 13 -9.62 -1.70 -5.03
O5' GS E 13 -10.04 -1.47 -4.69
C5' GS E 13 -9.79 -0.31 -4.80
C5' GS E 13 -9.71 -0.10 -4.88
C4' GS E 13 -10.29 0.37 -6.05
C4' GS E 13 -10.35 0.45 -6.14
O4' GS E 13 -11.64 -0.08 -6.29
O4' GS E 13 -11.69 -0.10 -6.25
C3' GS E 13 -10.36 1.91 -5.98
C3' GS E 13 -10.51 1.97 -6.18
O3' GS E 13 -10.02 2.50 -7.23
O3' GS E 13 -10.36 2.47 -7.51
C2' GS E 13 -11.82 2.17 -5.65
C2' GS E 13 -11.94 2.16 -5.71
C1' GS E 13 -12.54 1.00 -6.34
C1' GS E 13 -12.64 0.94 -6.32
N9 GS E 13 -13.79 0.61 -5.70
N9 GS E 13 -13.85 0.52 -5.61
C8 GS E 13 -15.06 0.69 -6.24
C8 GS E 13 -15.14 0.57 -6.10
N7 GS E 13 -15.98 0.27 -5.43
N7 GS E 13 -16.02 0.13 -5.23
C5 GS E 13 -15.30 -0.11 -4.27
C5 GS E 13 -15.28 -0.22 -4.12
C6 GS E 13 -15.78 -0.65 -3.05
C6 GS E 13 -15.68 -0.76 -2.87
O6 GS E 13 -16.94 -0.90 -2.72
O6 GS E 13 -16.82 -1.04 -2.48
N1 GS E 13 -14.73 -0.88 -2.16
N1 GS E 13 -14.60 -0.96 -2.02
C2 GS E 13 -13.41 -0.64 -2.41
C2 GS E 13 -13.29 -0.69 -2.34
N2 GS E 13 -12.55 -0.93 -1.42
N2 GS E 13 -12.38 -0.97 -1.40
N3 GS E 13 -12.95 -0.14 -3.55
N3 GS E 13 -12.90 -0.20 -3.50
C4 GS E 13 -13.94 0.10 -4.43
C4 GS E 13 -13.93 0.01 -4.34
P GS E 14 -9.60 3.83 -7.27
P GS E 14 -9.88 3.83 -7.60
OP1 GS E 14 -9.08 4.63 -6.14
OP1 GS E 14 -10.82 4.40 -8.60
S2P GS E 14 -10.86 4.67 -8.63
S2P GS E 14 -9.33 4.92 -5.97
O5' GS E 14 -8.38 3.13 -8.01
O5' GS E 14 -8.54 3.36 -8.33
C5' GS E 14 -8.56 2.49 -9.26
C5' GS E 14 -8.57 2.36 -9.33
C4' GS E 14 -7.27 2.49 -10.04
C4' GS E 14 -7.28 2.38 -10.11
O4' GS E 14 -7.60 2.16 -11.41
O4' GS E 14 -7.59 2.10 -11.49
C3' GS E 14 -6.57 3.84 -10.14
C3' GS E 14 -6.57 3.73 -10.15
O3' GS E 14 -5.19 3.65 -10.47
O3' GS E 14 -5.19 3.56 -10.48
C2' GS E 14 -7.32 4.52 -11.27
C2' GS E 14 -7.30 4.45 -11.28
C1' GS E 14 -7.73 3.34 -12.17
C1' GS E 14 -7.73 3.30 -12.21
N9 GS E 14 -9.11 3.40 -12.61
N9 GS E 14 -9.12 3.38 -12.64
C8 GS E 14 -10.19 3.92 -11.92
C8 GS E 14 -10.19 3.89 -11.93
N7 GS E 14 -11.32 3.83 -12.57
N7 GS E 14 -11.32 3.83 -12.58
C5 GS E 14 -10.96 3.23 -13.78
C5 GS E 14 -10.97 3.22 -13.79
C6 GS E 14 -11.76 2.87 -14.89
C6 GS E 14 -11.79 2.88 -14.91
O6 GS E 14 -12.97 3.03 -15.04
O6 GS E 14 -13.00 3.06 -15.05
N1 GS E 14 -11.01 2.28 -15.90
N1 GS E 14 -11.04 2.29 -15.92
C2 GS E 14 -9.65 2.05 -15.85
C2 GS E 14 -9.69 2.05 -15.87
N2 GS E 14 -9.11 1.47 -16.92
N2 GS E 14 -9.15 1.47 -16.95
N3 GS E 14 -8.89 2.37 -14.80
N3 GS E 14 -8.92 2.36 -14.84
C4 GS E 14 -9.60 2.96 -13.81
C4 GS E 14 -9.63 2.94 -13.84
S2 PPS E 15 -4.26 5.63 -9.02
S2 PPS E 15 -2.70 3.61 -10.63
O6P PPS E 15 -4.50 5.70 -9.33
P2 PPS E 15 -4.03 4.64 -10.78
P2 PPS E 15 -4.31 4.85 -10.53
O5P PPS E 15 -2.71 4.03 -11.12
O5' PPS E 15 -4.49 5.59 -11.97
O5' PPS E 15 -4.30 5.78 -11.82
C5' PPS E 15 -4.20 5.27 -13.33
C5' PPS E 15 -4.34 5.24 -13.12
C4' PPS E 15 -4.64 6.40 -14.22
C4' PPS E 15 -4.63 6.33 -14.11
O4' PPS E 15 -6.09 6.48 -14.19
O4' PPS E 15 -6.08 6.44 -14.24
C1' PPS E 15 -6.51 7.82 -14.14
C1' PPS E 15 -6.47 7.80 -14.17
N9 PPS E 15 -7.30 8.00 -12.92
N9 PPS E 15 -7.27 7.99 -12.96
C4 PPS E 15 -8.63 7.68 -12.76
C4 PPS E 15 -8.59 7.68 -12.78
N3 PPS E 15 -9.47 7.14 -13.67
N3 PPS E 15 -9.44 7.12 -13.68
C2 PPS E 15 -10.69 6.96 -13.15
C2 PPS E 15 -10.65 6.96 -13.16
N1 PPS E 15 -11.15 7.24 -11.93
N1 PPS E 15 -11.11 7.26 -11.94
C6 PPS E 15 -10.27 7.78 -11.06
C6 PPS E 15 -10.23 7.81 -11.08
N6 PPS E 15 -10.68 8.07 -9.83
N6 PPS E 15 -10.64 8.13 -9.85
C5 PPS E 15 -8.94 8.02 -11.45
C5 PPS E 15 -8.90 8.05 -11.48
N7 PPS E 15 -7.83 8.55 -10.80
N7 PPS E 15 -7.79 8.59 -10.85
C8 PPS E 15 -6.89 8.52 -11.72
C8 PPS E 15 -6.85 8.53 -11.76
C2' PPS E 15 -5.25 8.71 -14.22
C2' PPS E 15 -5.18 8.64 -14.26
C3' PPS E 15 -4.13 7.77 -13.78
C3' PPS E 15 -4.14 7.71 -13.67
O3' PPS E 15 -2.91 8.08 -14.45
O3' PPS E 15 -2.85 7.97 -14.23
C02 OKT E 16 -2.49 14.52 -19.40
C02 OKT E 16 -2.94 14.57 -18.67
C1' OKT E 16 -3.60 14.04 -16.25
C1' OKT E 16 -3.60 14.42 -15.19
C2' OKT E 16 -2.36 14.00 -17.17
C2' OKT E 16 -2.63 14.30 -16.39
C3' OKT E 16 -1.38 13.11 -16.42
C3' OKT E 16 -1.59 13.30 -15.89
C4' OKT E 16 -2.35 12.21 -15.65
C4' OKT E 16 -2.46 12.44 -14.96
C5' OKT E 16 -1.75 11.40 -14.52
C5' OKT E 16 -1.71 11.56 -14.00
N1 OKT E 16 -3.89 15.38 -15.70
N1 OKT E 16 -3.61 15.73 -14.53
O01 OKT E 16 -2.72 13.47 -18.44
O01 OKT E 16 -3.31 13.78 -17.53
O3' OKT E 16 -0.55 12.34 -17.30
O3' OKT E 16 -1.07 12.51 -16.97
O4' OKT E 16 -3.35 13.14 -15.19
O4' OKT E 16 -3.22 13.43 -14.26
O5' OKT E 16 -1.85 10.01 -14.86
O5' OKT E 16 -1.48 10.27 -14.56
OP1 OKT E 16 -0.42 8.15 -13.86
OP1 OKT E 16 -2.03 9.27 -12.30
P OKT E 16 -1.74 8.83 -13.78
P OKT E 16 -1.74 8.94 -13.72
S01 OKT E 16 -2.57 9.39 -12.01
S01 OKT E 16 -0.30 7.58 -14.19
C02 OKT E 17 4.76 10.17 -14.06
C02 OKT E 17 4.71 10.46 -13.83
C1' OKT E 17 5.03 12.39 -15.66
C1' OKT E 17 4.99 12.56 -15.56
C2 OKT E 17 6.81 13.93 -16.25
C2 OKT E 17 6.77 14.08 -16.28
C2' OKT E 17 3.77 12.17 -14.80
C2' OKT E 17 3.75 12.43 -14.64
C3' OKT E 17 2.70 12.56 -15.78
C3' OKT E 17 2.65 12.82 -15.60
C4 OKT E 17 6.79 16.26 -15.48
C4 OKT E 17 6.86 16.40 -15.44
C4' OKT E 17 3.23 11.72 -16.93
C4' OKT E 17 3.11 11.89 -16.71
C5 OKT E 17 5.54 15.99 -14.83
C5 OKT E 17 5.69 16.13 -14.68
C5' OKT E 17 2.52 11.91 -18.24
C5' OKT E 17 2.32 12.02 -17.98
C6 OKT E 17 5.02 14.77 -14.90
C6 OKT E 17 5.13 14.91 -14.75
N1 OKT E 17 5.62 13.74 -15.59
N1 OKT E 17 5.63 13.89 -15.53
N3 OKT E 17 7.33 15.19 -16.16
N3 OKT E 17 7.31 15.34 -16.20
O01 OKT E 17 3.53 10.80 -14.45
O01 OKT E 17 3.49 11.06 -14.27
O2 OKT E 17 7.36 13.02 -16.86
O2 OKT E 17 7.24 13.20 -16.98
O3' OKT E 17 1.42 12.09 -15.33
O3' OKT E 17 1.37 12.43 -15.10
O4 OKT E 17 7.37 17.34 -15.49
O4 OKT E 17 7.46 17.47 -15.47
O4' OKT E 17 4.63 12.12 -17.00
O4' OKT E 17 4.52 12.24 -16.86
O5' OKT E 17 1.37 11.07 -18.26
O5' OKT E 17 1.08 11.36 -17.80
OP1 OKT E 17 0.16 13.16 -18.74
OP1 OKT E 17 -1.42 11.18 -18.12
P OKT E 17 -0.04 11.69 -18.62
P OKT E 17 -0.26 12.11 -18.23
S01 OKT E 17 -0.73 10.67 -20.22
S01 OKT E 17 0.19 13.01 -19.99
C2 OKQ F 1 -6.29 4.56 0.66
C4 OKQ F 1 -7.59 5.74 -0.90
C5 OKQ F 1 -7.73 4.57 -1.70
C6 OKQ F 1 -7.14 3.45 -1.27
O2 OKQ F 1 -5.63 4.47 1.70
C1' OKQ F 1 -5.77 2.20 0.37
C2' OKQ F 1 -6.64 0.94 0.32
C3' OKQ F 1 -5.56 -0.13 0.25
C4' OKQ F 1 -4.53 0.51 -0.68
C5' OKQ F 1 -4.72 0.22 -2.16
CM2 OKQ F 1 -8.37 -0.25 1.15
N1 OKQ F 1 -6.43 3.42 -0.12
N3 OKQ F 1 -6.89 5.73 0.25
N4 OKQ F 1 -8.16 6.89 -1.28
O2' OKQ F 1 -7.49 0.84 1.42
O3' OKQ F 1 -5.00 -0.30 1.54
O4' OKQ F 1 -4.65 1.94 -0.46
O5' OKQ F 1 -4.03 1.17 -2.96
C02 OKT F 2 -9.24 -2.72 8.04
C02 OKT F 2 -9.13 -2.86 8.05
C1' OKT F 2 -8.36 -2.75 5.14
C1' OKT F 2 -8.37 -2.97 5.34
C2 OKT F 2 -9.62 -4.80 4.66
C2 OKT F 2 -9.55 -5.07 4.85
C2' OKT F 2 -7.62 -3.08 6.45
C2' OKT F 2 -7.43 -3.28 6.52
C3' OKT F 2 -6.17 -2.85 6.05
C3' OKT F 2 -6.08 -2.84 5.98
C4 OKT F 2 -9.08 -6.17 2.68
C4 OKT F 2 -9.04 -6.34 2.80
C4' OKT F 2 -6.33 -1.59 5.20
C4' OKT F 2 -6.50 -1.57 5.22
C5 OKT F 2 -8.05 -5.23 2.37
C5 OKT F 2 -8.08 -5.33 2.47
C5' OKT F 2 -5.18 -1.30 4.27
C5' OKT F 2 -5.54 -1.09 4.18
C6 OKT F 2 -7.86 -4.17 3.18
C6 OKT F 2 -7.90 -4.30 3.29
N1 OKT F 2 -8.61 -3.93 4.30
N1 OKT F 2 -8.60 -4.14 4.46
N3 OKT F 2 -9.80 -5.88 3.83
N3 OKT F 2 -9.72 -6.13 3.99
O01 OKT F 2 -8.02 -2.20 7.49
O01 OKT F 2 -7.78 -2.53 7.68
O2 OKT F 2 -10.33 -4.65 5.65
O2 OKT F 2 -10.20 -4.98 5.88
O3' OKT F 2 -5.35 -2.59 7.19
O3' OKT F 2 -5.19 -2.52 7.05
O4 OKT F 2 -9.36 -7.18 2.03
O4 OKT F 2 -9.30 -7.34 2.13
O4' OKT F 2 -7.54 -1.86 4.43
O4' OKT F 2 -7.75 -1.96 4.59
O5' OKT F 2 -5.52 -1.59 2.92
O5' OKT F 2 -5.26 -2.09 3.22
OP1 OKT F 2 -3.06 -1.60 2.51
OP1 OKT F 2 -5.14 -2.46 0.74
P OKT F 2 -4.37 -1.69 1.84
P OKT F 2 -4.50 -1.73 1.86
S01 OKT F 2 -4.77 -3.21 0.54
S01 OKT F 2 -2.49 -1.89 2.15
C RFJ F 3 -9.68 -8.92 9.70
C RFJ F 3 -9.66 -8.96 9.69
C1' RFJ F 3 -8.16 -7.03 7.96
C1' RFJ F 3 -8.20 -7.16 8.02
C2 RFJ F 3 -8.85 -10.46 5.40
C2 RFJ F 3 -8.84 -10.59 5.45
C2' RFJ F 3 -7.68 -7.98 9.06
C2' RFJ F 3 -7.64 -8.07 9.13
C3' RFJ F 3 -6.39 -7.35 9.54
C3' RFJ F 3 -6.43 -7.29 9.61
C4 RFJ F 3 -7.95 -8.50 5.92
C4 RFJ F 3 -7.95 -8.62 5.98
C4' RFJ F 3 -6.73 -5.87 9.42
C4' RFJ F 3 -6.96 -5.86 9.52
C5 RFJ F 3 -7.22 -8.38 4.75
C5 RFJ F 3 -7.23 -8.50 4.81
C5' RFJ F 3 -5.55 -4.96 9.21
C5' RFJ F 3 -5.90 -4.79 9.38
C6 RFJ F 3 -7.32 -9.42 3.78
C6 RFJ F 3 -7.31 -9.53 3.84
C8 RFJ F 3 -6.77 -6.64 5.89
C8 RFJ F 3 -6.81 -6.75 5.95
N1 RFJ F 3 -8.18 -10.42 4.20
N1 RFJ F 3 -8.16 -10.55 4.26
N2 RFJ F 3 -9.63 -11.53 5.61
N2 RFJ F 3 -9.61 -11.66 5.67
N3 RFJ F 3 -8.77 -9.50 6.31
N3 RFJ F 3 -8.78 -9.62 6.37
N7 RFJ F 3 -6.49 -7.21 4.75
N7 RFJ F 3 -6.52 -7.31 4.81
N9 RFJ F 3 -7.65 -7.38 6.65
N9 RFJ F 3 -7.68 -7.49 6.70
O2' RFJ F 3 -8.63 -8.05 10.13
O2' RFJ F 3 -8.58 -8.21 10.20
O3' RFJ F 3 -6.15 -7.70 10.90
O3' RFJ F 3 -6.12 -7.63 10.96
O4' RFJ F 3 -7.63 -5.75 8.29
O4' RFJ F 3 -7.79 -5.84 8.34
O5' RFJ F 3 -5.31 -4.72 7.83
O5' RFJ F 3 -5.11 -5.02 8.22
O6 RFJ F 3 -6.76 -9.49 2.68
O6 RFJ F 3 -6.75 -9.60 2.75
OP2 RFJ F 3 -3.61 -3.02 8.58
OP2 RFJ F 3 -3.88 -4.27 6.15
P RFJ F 3 -4.22 -3.64 7.38
P RFJ F 3 -4.41 -3.80 7.46
S RFJ F 3 -3.04 -4.35 5.88
S RFJ F 3 -3.21 -2.78 8.73
C2 OKQ F 4 -6.40 -12.90 7.06
C2 OKQ F 4 -6.29 -12.81 6.96
C4 OKQ F 4 -5.13 -11.30 5.86
C4 OKQ F 4 -5.08 -11.16 5.80
C5 OKQ F 4 -5.03 -10.49 7.03
C5 OKQ F 4 -5.04 -10.35 6.97
C6 OKQ F 4 -5.61 -10.93 8.16
C6 OKQ F 4 -5.64 -10.80 8.09
O2 OKQ F 4 -7.01 -13.96 7.11
O2 OKQ F 4 -6.86 -13.91 7.01
C1' OKQ F 4 -6.92 -12.57 9.45
C1' OKQ F 4 -6.90 -12.51 9.34
C2' OKQ F 4 -6.09 -13.62 10.21
C2' OKQ F 4 -6.01 -13.44 10.18
C3' OKQ F 4 -5.30 -12.77 11.20
C3' OKQ F 4 -5.37 -12.47 11.16
C4' OKQ F 4 -6.33 -11.70 11.55
C4' OKQ F 4 -6.54 -11.53 11.44
C5' OKQ F 4 -5.73 -10.41 12.05
C5' OKQ F 4 -6.12 -10.15 11.90
CM2 OKQ F 4 -7.32 -15.52 9.94
CM2 OKQ F 4 -7.28 -15.34 9.91
N1 OKQ F 4 -6.29 -12.10 8.20
N1 OKQ F 4 -6.26 -12.01 8.11
N3 OKQ F 4 -5.81 -12.46 5.88
N3 OKQ F 4 -5.69 -12.36 5.81
N4 OKQ F 4 -4.57 -10.91 4.71
N4 OKQ F 4 -4.51 -10.76 4.66
O2' OKQ F 4 -6.94 -14.53 10.89
O2' OKQ F 4 -6.80 -14.40 10.87
O3' OKQ F 4 -4.92 -13.51 12.35
O3' OKQ F 4 -4.95 -13.14 12.35
O4' OKQ F 4 -7.07 -11.47 10.32
O4' OKQ F 4 -7.23 -11.42 10.17
O5' OKQ F 4 -5.40 -9.53 10.98
O5' OKQ F 4 -4.95 -9.71 11.23
P1 OKQ F 4 -4.70 -8.13 11.29
P1 OKQ F 4 -4.66 -8.16 11.11
O1 OKQ F 4 -4.48 -8.01 12.77
O1 OKQ F 4 -4.09 -7.87 9.77
S1 OKQ F 4 -3.18 -7.81 10.00
S1 OKQ F 4 -3.65 -7.55 12.77
C02 OKT F 5 -3.18 -19.45 7.96
C02 OKT F 5 -3.19 -19.57 8.00
C1' OKT F 5 -3.55 -16.75 8.24
C1' OKT F 5 -3.47 -16.95 8.29
C2 OKT F 5 -3.04 -15.78 6.09
C2 OKT F 5 -2.97 -15.96 6.14
C2' OKT F 5 -2.27 -17.46 8.73
C2' OKT F 5 -2.23 -17.63 8.90
C3' OKT F 5 -2.00 -16.67 9.99
C3' OKT F 5 -2.14 -16.97 10.26
C4 OKT F 5 -2.64 -13.37 5.83
C4 OKT F 5 -2.60 -13.53 5.91
C4' OKT F 5 -3.42 -16.78 10.54
C4' OKT F 5 -3.63 -16.92 10.62
C5 OKT F 5 -2.86 -13.22 7.23
C5 OKT F 5 -2.82 -13.42 7.31
C5' OKT F 5 -3.70 -15.92 11.75
C5' OKT F 5 -3.97 -15.94 11.69
C6 OKT F 5 -3.15 -14.30 7.97
C6 OKT F 5 -3.09 -14.51 8.04
N1 OKT F 5 -3.24 -15.57 7.43
N1 OKT F 5 -3.17 -15.76 7.48
N3 OKT F 5 -2.74 -14.66 5.36
N3 OKT F 5 -2.69 -14.83 5.42
O01 OKT F 5 -2.53 -18.82 9.08
O01 OKT F 5 -2.40 -19.04 9.07
O2 OKT F 5 -3.11 -16.89 5.58
O2 OKT F 5 -3.02 -17.06 5.61
O3' OKT F 5 -1.09 -17.33 10.87
O3' OKT F 5 -1.47 -17.81 11.18
O4 OKT F 5 -2.38 -12.46 5.05
O4 OKT F 5 -2.34 -12.62 5.14
O4' OKT F 5 -4.24 -16.38 9.41
O4' OKT F 5 -4.30 -16.58 9.38
O5' OKT F 5 -3.38 -14.59 11.44
O5' OKT F 5 -3.16 -14.80 11.49
OP1 OKT F 5 -3.41 -14.07 13.91
OP1 OKT F 5 -3.09 -12.32 11.40
P OKT F 5 -3.38 -13.46 12.55
P OKT F 5 -3.42 -13.45 12.29
S01 OKT F 5 -1.92 -12.13 12.09
S01 OKT F 5 -2.45 -13.59 14.06
S2 PPS F 6 1.38 -16.79 12.78
S2 PPS F 6 -1.24 -19.03 12.63
O6P PPS F 6 1.01 -16.98 12.34
P2 PPS F 6 0.10 -17.91 11.68
P2 PPS F 6 0.02 -17.81 11.61
O4P PPS F 6 -0.89 -18.82 12.32
O5' PPS F 6 0.88 -18.70 10.53
O5' PPS F 6 0.75 -18.65 10.49
C5' PPS F 6 1.61 -17.95 9.58
C5' PPS F 6 1.69 -18.02 9.62
C4' PPS F 6 1.85 -18.76 8.32
C4' PPS F 6 1.91 -18.87 8.40
O4' PPS F 6 0.72 -18.61 7.43
O4' PPS F 6 0.77 -18.75 7.51
C1' PPS F 6 1.17 -18.16 6.17
C1' PPS F 6 1.20 -18.31 6.25
N9 PPS F 6 0.94 -16.72 6.10
N9 PPS F 6 0.97 -16.86 6.17
C4 PPS F 6 1.16 -15.91 5.01
C4 PPS F 6 1.20 -16.06 5.08
N3 PPS F 6 1.62 -16.29 3.79
N3 PPS F 6 1.68 -16.43 3.87
C2 PPS F 6 1.70 -15.25 2.96
C2 PPS F 6 1.78 -15.39 3.05
N1 PPS F 6 1.40 -13.97 3.18
N1 PPS F 6 1.48 -14.10 3.27
C6 PPS F 6 0.93 -13.65 4.41
C6 PPS F 6 1.01 -13.79 4.49
N6 PPS F 6 0.62 -12.37 4.66
N6 PPS F 6 0.70 -12.51 4.73
C5 PPS F 6 0.79 -14.64 5.39
C5 PPS F 6 0.84 -14.78 5.46
N7 PPS F 6 0.35 -14.63 6.71
N7 PPS F 6 0.40 -14.77 6.78
C8 PPS F 6 0.46 -15.88 7.08
C8 PPS F 6 0.49 -16.03 7.14
C2' PPS F 6 2.66 -18.57 6.11
C2' PPS F 6 2.68 -18.73 6.16
C3' PPS F 6 3.09 -18.31 7.53
C3' PPS F 6 3.14 -18.46 7.58
O3' PPS F 6 4.22 -19.10 7.90
O3' PPS F 6 4.26 -19.29 7.93
P GS F 7 5.37 -18.55 8.80
P GS F 7 5.36 -18.66 8.85
OP1 GS F 7 6.32 -19.62 8.41
OP1 GS F 7 4.88 -18.25 10.20
S2P GS F 7 5.59 -17.62 10.59
S2P GS F 7 7.21 -19.48 8.66
O5' GS F 7 5.31 -17.46 7.64
O5' GS F 7 5.26 -17.43 7.84
C5' GS F 7 6.40 -16.56 7.41
C5' GS F 7 6.42 -16.66 7.51
C4' GS F 7 6.83 -16.62 5.97
C4' GS F 7 6.74 -16.79 6.04
O4' GS F 7 5.66 -16.60 5.10
O4' GS F 7 5.53 -16.69 5.24
C3' GS F 7 7.66 -15.42 5.50
C3' GS F 7 7.65 -15.69 5.49
O3' GS F 7 9.05 -15.60 5.80
O3' GS F 7 9.02 -16.03 5.70
C2' GS F 7 7.41 -15.49 4.00
C2' GS F 7 7.31 -15.74 4.02
C1' GS F 7 5.89 -15.72 4.02
C1' GS F 7 5.77 -15.86 4.12
N9 GS F 7 5.13 -14.51 4.30
N9 GS F 7 5.10 -14.60 4.38
C8 GS F 7 4.42 -14.22 5.44
C8 GS F 7 4.43 -14.24 5.53
N7 GS F 7 3.84 -13.06 5.41
N7 GS F 7 3.93 -13.04 5.46
C5 GS F 7 4.21 -12.53 4.16
C5 GS F 7 4.29 -12.57 4.21
C6 GS F 7 3.89 -11.29 3.57
C6 GS F 7 4.02 -11.33 3.58
O6 GS F 7 3.19 -10.38 4.02
O6 GS F 7 3.40 -10.37 4.03
N1 GS F 7 4.46 -11.17 2.30
N1 GS F 7 4.57 -11.28 2.30
C2 GS F 7 5.25 -12.12 1.69
C2 GS F 7 5.29 -12.29 1.71
N2 GS F 7 5.71 -11.82 0.48
N2 GS F 7 5.74 -12.05 0.47
N3 GS F 7 5.56 -13.28 2.26
N3 GS F 7 5.54 -13.46 2.28
C4 GS F 7 5.01 -13.42 3.48
C4 GS F 7 5.01 -13.53 3.53
C2 OKN F 9 8.16 -9.39 2.19
C2 OKN F 9 8.24 -9.46 2.13
C4 OKN F 9 6.84 -9.17 4.14
C4 OKN F 9 6.91 -9.15 4.05
C1' OKN F 9 9.67 -11.32 1.87
C1' OKN F 9 9.70 -11.44 1.92
C2' OKN F 9 11.06 -10.65 1.95
C2' OKN F 9 11.11 -10.78 1.93
C3' OKN F 9 11.76 -11.51 2.98
C3' OKN F 9 11.80 -11.57 3.03
C4' OKN F 9 11.24 -12.88 2.55
C4' OKN F 9 11.27 -12.96 2.73
C5 OKN F 9 7.37 -10.40 4.64
C5 OKN F 9 7.40 -10.37 4.60
C5' OKN F 9 11.50 -13.99 3.55
C5' OKN F 9 11.50 -13.98 3.82
C6 OKN F 9 8.27 -11.06 3.89
C6 OKN F 9 8.30 -11.07 3.89
CM5 OKN F 9 6.93 -10.94 5.98
CM5 OKN F 9 6.93 -10.85 5.96
N1 OKN F 9 8.67 -10.59 2.68
N1 OKN F 9 8.72 -10.66 2.67
N3 OKN F 9 7.24 -8.69 2.94
N3 OKN F 9 7.33 -8.72 2.85
N4 OKN F 9 5.94 -8.47 4.85
N4 OKN F 9 6.02 -8.41 4.72
O2 OKN F 9 8.54 -8.97 1.09
O2 OKN F 9 8.63 -9.09 1.02
O3' OKN F 9 13.19 -11.40 2.87
O3' OKN F 9 13.23 -11.48 2.92
O4' OKN F 9 9.82 -12.64 2.35
O4' OKN F 9 9.85 -12.73 2.48
O5' OKN F 9 10.53 -15.02 3.42
O5' OKN F 9 10.48 -14.97 3.83
OP1 OKN F 9 9.81 -17.25 4.36
OP1 OKN F 9 11.26 -15.46 6.17
P OKN F 9 10.14 -15.84 4.72
P OKN F 9 10.43 -15.99 5.05
S01 OKN F 9 11.51 -15.46 6.16
S01 OKN F 9 10.68 -17.91 4.44
P PST F 10 12.66 -2.11 0.03
P PST F 10 12.79 -2.42 0.22
OP1 PST F 10 12.66 -1.37 -1.27
OP1 PST F 10 13.75 -1.70 1.10
SP PST F 10 14.06 -1.69 1.43
SP PST F 10 12.87 -2.18 -1.79
O5' PST F 10 11.22 -1.98 0.69
O5' PST F 10 11.31 -2.10 0.72
C5' PST F 10 11.06 -1.15 1.82
C5' PST F 10 11.12 -1.47 1.97
C4' PST F 10 9.62 -0.73 1.96
C4' PST F 10 9.71 -0.94 2.09
O4' PST F 10 8.80 -1.92 2.11
O4' PST F 10 8.79 -2.06 2.22
C3' PST F 10 9.39 0.14 3.20
C3' PST F 10 9.50 -0.06 3.32
O3' PST F 10 8.44 1.17 2.91
O3' PST F 10 8.61 1.02 3.02
C2' PST F 10 8.85 -0.84 4.22
C2' PST F 10 8.89 -1.00 4.34
C1' PST F 10 8.15 -1.92 3.36
C1' PST F 10 8.17 -2.06 3.49
N1 PST F 10 8.26 -3.27 3.96
N1 PST F 10 8.27 -3.41 4.06
C2 PST F 10 7.38 -3.60 4.95
C2 PST F 10 7.39 -3.76 5.06
O2 PST F 10 6.52 -2.85 5.37
O2 PST F 10 6.52 -3.02 5.49
N3 PST F 10 7.55 -4.87 5.45
N3 PST F 10 7.56 -5.03 5.55
C4 PST F 10 8.49 -5.80 5.05
C4 PST F 10 8.50 -5.96 5.15
O4 PST F 10 8.52 -6.91 5.60
O4 PST F 10 8.53 -7.07 5.68
C5 PST F 10 9.39 -5.37 4.00
C5 PST F 10 9.40 -5.53 4.10
C5M PST F 10 10.44 -6.31 3.50
C5M PST F 10 10.45 -6.46 3.59
C6 PST F 10 9.22 -4.14 3.52
C6 PST F 10 9.23 -4.29 3.62
C2 OKN F 11 8.42 5.95 10.34
C2 OKN F 11 8.39 5.95 10.29
C4 OKN F 11 10.73 6.33 10.64
C4 OKN F 11 10.69 6.32 10.61
C1' OKN F 11 7.55 5.28 8.14
C1' OKN F 11 7.53 5.29 8.08
C2' OKN F 11 7.65 5.82 6.70
C2' OKN F 11 7.61 5.87 6.65
C3' OKN F 11 6.91 4.75 5.91
C3' OKN F 11 6.95 4.79 5.82
C4' OKN F 11 7.23 3.46 6.68
C4' OKN F 11 7.36 3.51 6.54
C5 OKN F 11 10.97 6.02 9.28
C5 OKN F 11 10.95 6.01 9.24
C5' OKN F 11 8.37 2.66 6.10
C5' OKN F 11 8.63 2.87 6.02
C6 OKN F 11 9.93 5.69 8.51
C6 OKN F 11 9.91 5.68 8.47
CM5 OKN F 11 12.36 6.06 8.69
CM5 OKN F 11 12.35 6.05 8.68
N1 OKN F 11 8.67 5.65 9.01
N1 OKN F 11 8.65 5.64 8.95
N3 OKN F 11 9.48 6.30 11.16
N3 OKN F 11 9.44 6.28 11.12
N4 OKN F 11 11.73 6.67 11.46
N4 OKN F 11 11.69 6.65 11.44
O2 OKN F 11 7.26 5.89 10.77
O2 OKN F 11 7.22 5.89 10.70
O3' OKN F 11 5.49 4.97 5.97
O3' OKN F 11 5.52 4.90 5.88
O4' OKN F 11 7.56 3.87 8.03
O4' OKN F 11 7.54 3.88 7.93
O5' OKN F 11 8.10 2.39 4.73
O5' OKN F 11 8.36 2.16 4.82
OP1 OKN F 11 8.89 3.08 2.46
OP1 OKN F 11 10.71 2.25 3.88
P OKN F 11 9.26 2.27 3.64
P OKN F 11 9.26 2.34 3.52
S01 OKN F 11 11.06 2.55 4.54
S01 OKN F 11 8.59 3.91 2.42
P PST F 12 4.39 5.90 5.39
P PST F 12 4.50 5.91 5.28
OP1 PST F 12 3.16 5.08 5.66
OP2 PST F 12 4.66 6.43 3.91
SP PST F 12 4.62 6.83 3.61
SP PST F 12 2.99 4.63 5.73
O5' PST F 12 4.58 6.92 6.59
O5' PST F 12 4.46 7.13 6.32
C5' PST F 12 3.53 7.15 7.51
C5' PST F 12 3.76 6.96 7.54
C4' PST F 12 3.88 8.21 8.52
C4' PST F 12 3.96 8.14 8.47
O4' PST F 12 5.27 8.07 8.91
O4' PST F 12 5.30 8.11 9.00
C3' PST F 12 3.73 9.64 8.04
C3' PST F 12 3.77 9.52 7.83
O3' PST F 12 2.59 10.26 8.66
O3' PST F 12 2.73 10.24 8.50
C2' PST F 12 5.01 10.35 8.47
C2' PST F 12 5.11 10.23 8.03
C1' PST F 12 5.73 9.32 9.36
C1' PST F 12 5.76 9.43 9.17
N1 PST F 12 7.20 9.34 9.23
N1 PST F 12 7.24 9.41 9.10
C2 PST F 12 7.97 9.42 10.37
C2 PST F 12 7.96 9.46 10.28
O2 PST F 12 7.50 9.48 11.49
O2 PST F 12 7.44 9.51 11.38
N3 PST F 12 9.32 9.45 10.15
N3 PST F 12 9.32 9.44 10.12
C4 PST F 12 9.97 9.40 8.92
C4 PST F 12 10.01 9.38 8.93
O4 PST F 12 11.19 9.43 8.89
O4 PST F 12 11.24 9.37 8.94
C5 PST F 12 9.10 9.31 7.76
C5 PST F 12 9.20 9.33 7.73
C5M PST F 12 9.71 9.25 6.40
C5M PST F 12 9.86 9.26 6.39
C6 PST F 12 7.78 9.30 7.97
C6 PST F 12 7.87 9.34 7.88
P GS F 13 1.65 10.92 7.62
P GS F 13 1.77 10.94 7.49
OP1 GS F 13 0.27 10.59 8.06
OP1 GS F 13 1.69 10.93 6.00
S2P GS F 13 2.22 10.55 5.71
S2P GS F 13 0.20 10.28 8.59
O5' GS F 13 1.95 12.45 7.97
O5' GS F 13 2.15 12.41 8.00
C5' GS F 13 1.25 13.13 9.00
C5' GS F 13 1.26 13.11 8.85
C4' GS F 13 1.46 14.62 8.87
C4' GS F 13 1.51 14.60 8.79
O4' GS F 13 2.84 14.85 8.54
O4' GS F 13 2.91 14.79 8.44
C3' GS F 13 0.60 15.32 7.81
C3' GS F 13 0.67 15.37 7.76
O3' GS F 13 -0.31 16.25 8.41
O3' GS F 13 -0.14 16.36 8.41
C2' GS F 13 1.59 16.06 6.91
C2' GS F 13 1.67 16.04 6.83
C1' GS F 13 2.99 15.75 7.48
C1' GS F 13 3.06 15.73 7.41
N9 GS F 13 3.93 15.17 6.52
N9 GS F 13 4.02 15.16 6.45
C8 GS F 13 4.01 13.84 6.16
C8 GS F 13 4.12 13.84 6.07
N7 GS F 13 4.96 13.61 5.29
N7 GS F 13 5.07 13.62 5.21
C5 GS F 13 5.54 14.84 5.07
C5 GS F 13 5.63 14.87 4.98
C6 GS F 13 6.62 15.21 4.21
C6 GS F 13 6.70 15.26 4.14
O6 GS F 13 7.29 14.49 3.46
O6 GS F 13 7.38 14.56 3.38
N1 GS F 13 6.89 16.57 4.28
N1 GS F 13 6.95 16.63 4.22
C2 GS F 13 6.21 17.47 5.07
C2 GS F 13 6.26 17.50 5.02
N2 GS F 13 6.62 18.74 5.00
N2 GS F 13 6.65 18.79 4.96
N3 GS F 13 5.20 17.14 5.88
N3 GS F 13 5.25 17.16 5.81
C4 GS F 13 4.92 15.82 5.82
C4 GS F 13 4.99 15.83 5.75
S SO4 G . -6.33 -9.42 -2.35
O1 SO4 G . -7.25 -10.40 -2.91
O2 SO4 G . -5.63 -8.73 -3.44
O3 SO4 G . -7.07 -8.44 -1.56
O4 SO4 G . -5.35 -10.09 -1.49
NA NA H . -6.79 1.62 -5.54
#